data_1CX9
#
_entry.id   1CX9
#
_cell.length_a   182.650
_cell.length_b   59.340
_cell.length_c   67.300
_cell.angle_alpha   90.00
_cell.angle_beta   94.50
_cell.angle_gamma   90.00
#
_symmetry.space_group_name_H-M   'C 1 2 1'
#
loop_
_entity.id
_entity.type
_entity.pdbx_description
1 polymer 'TRYPTOPHAN SYNTHASE (ALPHA CHAIN)'
2 polymer 'TRYPTOPHAN SYNTHASE (BETA CHAIN)'
3 non-polymer '4-(2-AMINOPHENYLTHIO)-BUTYLPHOSPHONIC ACID'
4 non-polymer 'SODIUM ION'
5 non-polymer "PYRIDOXAL-5'-PHOSPHATE"
6 water water
#
loop_
_entity_poly.entity_id
_entity_poly.type
_entity_poly.pdbx_seq_one_letter_code
_entity_poly.pdbx_strand_id
1 'polypeptide(L)'
;MERYENLFAQLNDRREGAFVPFVTLGDPGIEQSLKIIDTLIDAGADALELGVPFSDPLADGPTIQNANLRAFAAGVTPAQ
CFEMLALIREKHPTIPIGLLMYANLVFNNGIDAFYARCEQVGVDSVLVADVPVEESAPFRQAALRHNIAPIFICPPNADD
DLLRQVASYGRGYTYLLSRSGVTGAENRGALPLHHLIEKLKEYHAAPALQGFGISSPEQVSAAVRAGAAGAISGSAIVKI
IEKNLASPKQMLAELRSFVSAMKAASRA
;
A
2 'polypeptide(L)'
;MTTLLNPYFGEFGGMYVPQILMPALNQLEEAFVRAQKDPEFQAQFADLLKNYAGRPTALTKCQNITAGTRTTLYLKREDL
LHGGAHKTNQVLGQALLAKRMGKSEIIAETGAGQHGVASALASALLGLKCRIYMGAKDVERQSPNVFRMRLMGAEVIPVH
SGSATLKDACNEALRDWSGSYETAHYMLGTAAGPHPYPTIVREFQRMIGEETKAQILDKEGRLPDAVIACVGGGSNAIGM
FADFINDTSVGLIGVEPGGHGIETGEHGAPLKHGRVGIYFGMKAPMMQTADGQIEESYSISAGLDFPSVGPQHAYLNSIG
RADYVSITDDEALEAFKTLCRHEGIIPALESSHALAHALKMMREQPEKEQLLVVNLSGRGDKDIFTVHDILKARGEI
;
B
#
loop_
_chem_comp.id
_chem_comp.type
_chem_comp.name
_chem_comp.formula
NA non-polymer 'SODIUM ION' 'Na 1'
NHP non-polymer '4-(2-AMINOPHENYLTHIO)-BUTYLPHOSPHONIC ACID' 'C10 H16 N O3 P S'
PLP non-polymer PYRIDOXAL-5'-PHOSPHATE 'C8 H10 N O6 P'
#
# COMPACT_ATOMS: atom_id res chain seq x y z
N GLU A 2 -11.84 -14.99 28.96
CA GLU A 2 -11.19 -13.86 29.70
C GLU A 2 -9.77 -14.25 30.14
N ARG A 3 -9.00 -14.78 29.20
CA ARG A 3 -7.63 -15.21 29.44
C ARG A 3 -6.69 -14.09 29.88
N TYR A 4 -6.83 -12.91 29.27
CA TYR A 4 -6.00 -11.76 29.61
C TYR A 4 -6.40 -11.21 30.97
N GLU A 5 -7.71 -11.19 31.21
CA GLU A 5 -8.26 -10.73 32.49
C GLU A 5 -7.57 -11.44 33.65
N ASN A 6 -7.53 -12.76 33.56
CA ASN A 6 -6.93 -13.60 34.60
C ASN A 6 -5.42 -13.49 34.69
N LEU A 7 -4.73 -13.44 33.56
CA LEU A 7 -3.27 -13.31 33.60
C LEU A 7 -2.83 -12.04 34.32
N PHE A 8 -3.45 -10.91 33.98
CA PHE A 8 -3.13 -9.61 34.57
C PHE A 8 -3.49 -9.49 36.04
N ALA A 9 -4.59 -10.12 36.42
CA ALA A 9 -5.05 -10.12 37.81
C ALA A 9 -4.06 -10.95 38.61
N GLN A 10 -3.63 -12.06 38.02
CA GLN A 10 -2.69 -12.95 38.67
C GLN A 10 -1.31 -12.32 38.78
N LEU A 11 -0.90 -11.63 37.72
CA LEU A 11 0.40 -10.97 37.67
C LEU A 11 0.44 -9.81 38.68
N ASN A 12 -0.70 -9.15 38.88
CA ASN A 12 -0.78 -8.05 39.82
C ASN A 12 -0.65 -8.55 41.26
N ASP A 13 -1.29 -9.67 41.58
CA ASP A 13 -1.22 -10.24 42.91
C ASP A 13 0.21 -10.61 43.22
N ARG A 14 1.02 -10.71 42.16
CA ARG A 14 2.42 -11.06 42.31
C ARG A 14 3.28 -9.82 42.09
N ARG A 15 2.62 -8.67 41.94
CA ARG A 15 3.27 -7.39 41.66
C ARG A 15 4.34 -7.68 40.61
N GLU A 16 3.86 -8.17 39.47
CA GLU A 16 4.72 -8.58 38.38
C GLU A 16 4.32 -7.95 37.06
N GLY A 17 5.27 -7.93 36.13
CA GLY A 17 5.03 -7.40 34.80
C GLY A 17 4.94 -8.58 33.84
N ALA A 18 4.24 -8.41 32.72
CA ALA A 18 4.09 -9.49 31.75
C ALA A 18 5.14 -9.44 30.65
N PHE A 19 5.77 -10.59 30.35
CA PHE A 19 6.73 -10.62 29.26
C PHE A 19 6.11 -11.45 28.15
N VAL A 20 5.86 -10.80 27.02
CA VAL A 20 5.25 -11.40 25.85
C VAL A 20 6.14 -11.41 24.60
N PRO A 21 6.68 -12.58 24.25
CA PRO A 21 7.53 -12.64 23.04
C PRO A 21 6.70 -12.78 21.75
N PHE A 22 7.29 -12.39 20.63
CA PHE A 22 6.63 -12.50 19.33
C PHE A 22 7.43 -13.39 18.39
N VAL A 23 6.73 -14.17 17.59
CA VAL A 23 7.34 -15.04 16.58
C VAL A 23 6.35 -15.21 15.43
N THR A 24 6.87 -15.62 14.28
CA THR A 24 6.07 -15.87 13.09
C THR A 24 5.77 -17.37 13.06
N LEU A 25 4.49 -17.70 12.93
CA LEU A 25 4.08 -19.10 12.86
C LEU A 25 4.71 -19.78 11.65
N GLY A 26 5.36 -20.92 11.88
CA GLY A 26 6.01 -21.64 10.80
C GLY A 26 7.44 -21.23 10.47
N ASP A 27 8.05 -20.41 11.32
CA ASP A 27 9.43 -19.98 11.12
C ASP A 27 10.32 -20.75 12.09
N PRO A 28 11.30 -21.52 11.59
CA PRO A 28 11.73 -21.79 10.20
C PRO A 28 10.98 -22.93 9.52
N GLY A 29 10.19 -23.65 10.31
CA GLY A 29 9.39 -24.75 9.79
C GLY A 29 8.24 -24.96 10.74
N ILE A 30 7.16 -25.62 10.33
CA ILE A 30 6.06 -25.82 11.26
C ILE A 30 6.50 -26.52 12.54
N GLU A 31 7.08 -27.71 12.40
CA GLU A 31 7.54 -28.54 13.51
C GLU A 31 8.54 -27.86 14.45
N GLN A 32 9.50 -27.12 13.88
CA GLN A 32 10.48 -26.39 14.68
C GLN A 32 9.82 -25.18 15.34
N SER A 33 8.84 -24.59 14.66
CA SER A 33 8.10 -23.44 15.18
C SER A 33 7.28 -23.85 16.41
N LEU A 34 6.66 -25.02 16.33
CA LEU A 34 5.86 -25.51 17.45
C LEU A 34 6.78 -25.71 18.65
N LYS A 35 7.94 -26.27 18.36
CA LYS A 35 8.97 -26.54 19.34
C LYS A 35 9.47 -25.25 19.99
N ILE A 36 9.64 -24.20 19.18
CA ILE A 36 10.08 -22.87 19.65
C ILE A 36 9.05 -22.30 20.65
N ILE A 37 7.79 -22.32 20.24
CA ILE A 37 6.71 -21.80 21.06
C ILE A 37 6.60 -22.48 22.42
N ASP A 38 6.85 -23.79 22.48
CA ASP A 38 6.80 -24.54 23.73
C ASP A 38 7.96 -24.17 24.62
N THR A 39 9.09 -23.89 24.00
CA THR A 39 10.30 -23.49 24.71
C THR A 39 10.07 -22.11 25.29
N LEU A 40 9.43 -21.23 24.51
CA LEU A 40 9.10 -19.87 24.91
C LEU A 40 8.23 -19.90 26.17
N ILE A 41 7.21 -20.77 26.15
CA ILE A 41 6.29 -20.92 27.26
C ILE A 41 7.01 -21.54 28.46
N ASP A 42 7.79 -22.59 28.20
CA ASP A 42 8.50 -23.27 29.28
C ASP A 42 9.53 -22.38 29.99
N ALA A 43 10.14 -21.47 29.25
CA ALA A 43 11.13 -20.59 29.84
C ALA A 43 10.50 -19.41 30.60
N GLY A 44 9.18 -19.25 30.53
CA GLY A 44 8.55 -18.17 31.27
C GLY A 44 7.65 -17.12 30.62
N ALA A 45 7.43 -17.19 29.30
CA ALA A 45 6.58 -16.22 28.64
C ALA A 45 5.19 -16.25 29.28
N ASP A 46 4.62 -15.07 29.53
CA ASP A 46 3.30 -14.97 30.14
C ASP A 46 2.17 -15.07 29.14
N ALA A 47 2.41 -14.60 27.92
CA ALA A 47 1.42 -14.62 26.85
C ALA A 47 2.18 -14.72 25.56
N LEU A 48 1.46 -14.87 24.45
CA LEU A 48 2.06 -15.03 23.14
C LEU A 48 1.46 -14.09 22.11
N GLU A 49 2.31 -13.65 21.18
CA GLU A 49 1.94 -12.77 20.08
C GLU A 49 2.45 -13.52 18.86
N LEU A 50 1.51 -14.06 18.08
CA LEU A 50 1.82 -14.86 16.91
C LEU A 50 1.46 -14.22 15.59
N GLY A 51 2.39 -14.25 14.64
CA GLY A 51 2.12 -13.67 13.34
C GLY A 51 1.93 -14.73 12.30
N VAL A 52 0.92 -14.58 11.45
CA VAL A 52 0.72 -15.56 10.39
C VAL A 52 1.36 -14.91 9.17
N PRO A 53 2.17 -15.69 8.43
CA PRO A 53 2.90 -15.27 7.22
C PRO A 53 2.10 -14.51 6.17
N PHE A 54 2.58 -13.30 5.87
CA PHE A 54 1.97 -12.42 4.90
C PHE A 54 3.03 -12.04 3.87
N SER A 55 2.55 -11.73 2.67
CA SER A 55 3.43 -11.37 1.55
C SER A 55 3.87 -9.90 1.57
N ASP A 56 3.19 -9.07 2.35
CA ASP A 56 3.49 -7.64 2.43
C ASP A 56 3.41 -7.03 3.83
N PRO A 57 4.26 -7.50 4.76
CA PRO A 57 4.24 -6.95 6.11
C PRO A 57 4.82 -5.52 6.16
N LEU A 58 3.99 -4.54 5.79
CA LEU A 58 4.40 -3.14 5.74
C LEU A 58 4.68 -2.40 7.04
N ALA A 59 4.49 -3.07 8.17
CA ALA A 59 4.78 -2.44 9.45
C ALA A 59 5.90 -3.21 10.15
N ASP A 60 6.60 -4.04 9.38
CA ASP A 60 7.68 -4.86 9.91
C ASP A 60 9.06 -4.54 9.35
N GLY A 61 10.06 -4.56 10.23
CA GLY A 61 11.45 -4.31 9.86
C GLY A 61 12.07 -5.57 9.27
N PRO A 62 13.35 -5.50 8.84
CA PRO A 62 14.06 -6.63 8.25
C PRO A 62 14.06 -7.96 8.98
N THR A 63 14.11 -7.94 10.30
CA THR A 63 14.15 -9.19 11.08
C THR A 63 12.90 -10.06 10.87
N ILE A 64 11.73 -9.45 11.01
CA ILE A 64 10.45 -10.15 10.84
C ILE A 64 10.09 -10.34 9.37
N GLN A 65 10.62 -9.45 8.52
CA GLN A 65 10.39 -9.54 7.08
C GLN A 65 10.94 -10.92 6.66
N ASN A 66 12.12 -11.26 7.17
CA ASN A 66 12.79 -12.55 6.89
C ASN A 66 12.10 -13.72 7.59
N ALA A 67 11.37 -13.45 8.66
CA ALA A 67 10.67 -14.50 9.39
C ALA A 67 9.53 -14.94 8.47
N ASN A 68 8.93 -13.96 7.79
CA ASN A 68 7.85 -14.24 6.86
C ASN A 68 8.42 -14.97 5.65
N LEU A 69 9.57 -14.51 5.18
CA LEU A 69 10.25 -15.11 4.03
C LEU A 69 10.63 -16.56 4.32
N ARG A 70 11.10 -16.83 5.53
CA ARG A 70 11.48 -18.19 5.91
C ARG A 70 10.24 -19.08 6.03
N ALA A 71 9.18 -18.54 6.62
CA ALA A 71 7.91 -19.25 6.78
C ALA A 71 7.32 -19.59 5.42
N PHE A 72 7.41 -18.63 4.49
CA PHE A 72 6.91 -18.79 3.12
C PHE A 72 7.73 -19.86 2.41
N ALA A 73 9.04 -19.76 2.54
CA ALA A 73 9.96 -20.72 1.95
C ALA A 73 9.66 -22.15 2.41
N ALA A 74 8.99 -22.26 3.56
CA ALA A 74 8.62 -23.55 4.15
C ALA A 74 7.25 -24.01 3.71
N GLY A 75 6.53 -23.15 3.01
CA GLY A 75 5.22 -23.52 2.53
C GLY A 75 4.09 -23.35 3.51
N VAL A 76 4.30 -22.48 4.51
CA VAL A 76 3.29 -22.21 5.53
C VAL A 76 2.17 -21.30 5.00
N THR A 77 0.94 -21.72 5.24
CA THR A 77 -0.25 -21.01 4.81
C THR A 77 -1.11 -20.61 5.99
N PRO A 78 -2.09 -19.71 5.78
CA PRO A 78 -2.95 -19.32 6.91
C PRO A 78 -3.72 -20.51 7.48
N ALA A 79 -4.08 -21.46 6.61
CA ALA A 79 -4.82 -22.66 7.03
C ALA A 79 -3.98 -23.50 7.96
N GLN A 80 -2.70 -23.61 7.58
CA GLN A 80 -1.71 -24.37 8.33
C GLN A 80 -1.46 -23.69 9.67
N CYS A 81 -1.59 -22.37 9.69
CA CYS A 81 -1.40 -21.61 10.92
C CYS A 81 -2.48 -21.90 11.94
N PHE A 82 -3.74 -21.81 11.55
CA PHE A 82 -4.85 -22.07 12.47
C PHE A 82 -4.81 -23.49 13.02
N GLU A 83 -4.20 -24.37 12.25
CA GLU A 83 -4.04 -25.77 12.61
C GLU A 83 -3.02 -25.82 13.75
N MET A 84 -1.99 -24.99 13.59
CA MET A 84 -0.90 -24.87 14.54
C MET A 84 -1.44 -24.27 15.86
N LEU A 85 -2.28 -23.24 15.73
CA LEU A 85 -2.88 -22.55 16.86
C LEU A 85 -3.75 -23.48 17.71
N ALA A 86 -4.48 -24.39 17.07
CA ALA A 86 -5.36 -25.33 17.78
C ALA A 86 -4.57 -26.30 18.65
N LEU A 87 -3.43 -26.75 18.13
CA LEU A 87 -2.57 -27.67 18.85
C LEU A 87 -1.95 -26.94 20.05
N ILE A 88 -1.51 -25.70 19.84
CA ILE A 88 -0.90 -24.91 20.89
C ILE A 88 -1.90 -24.71 22.04
N ARG A 89 -3.16 -24.43 21.70
CA ARG A 89 -4.18 -24.27 22.72
C ARG A 89 -4.54 -25.57 23.43
N GLU A 90 -4.42 -26.67 22.71
CA GLU A 90 -4.74 -27.99 23.24
C GLU A 90 -3.66 -28.37 24.27
N LYS A 91 -2.48 -27.79 24.09
CA LYS A 91 -1.32 -28.05 24.93
C LYS A 91 -1.22 -27.11 26.15
N HIS A 92 -1.59 -25.85 25.92
CA HIS A 92 -1.50 -24.81 26.92
C HIS A 92 -2.86 -24.14 27.02
N PRO A 93 -3.62 -24.46 28.09
CA PRO A 93 -4.97 -23.95 28.38
C PRO A 93 -5.20 -22.51 28.84
N THR A 94 -4.26 -21.96 29.61
CA THR A 94 -4.43 -20.61 30.16
C THR A 94 -3.65 -19.44 29.54
N ILE A 95 -2.55 -19.73 28.85
CA ILE A 95 -1.71 -18.67 28.26
C ILE A 95 -2.42 -17.85 27.18
N PRO A 96 -2.50 -16.52 27.36
CA PRO A 96 -3.17 -15.66 26.36
C PRO A 96 -2.48 -15.70 25.00
N ILE A 97 -3.29 -15.80 23.95
CA ILE A 97 -2.79 -15.88 22.60
C ILE A 97 -3.34 -14.78 21.73
N GLY A 98 -2.43 -13.94 21.23
CA GLY A 98 -2.80 -12.85 20.35
C GLY A 98 -2.18 -13.07 18.98
N LEU A 99 -2.91 -12.67 17.94
CA LEU A 99 -2.45 -12.80 16.56
C LEU A 99 -2.08 -11.44 15.97
N LEU A 100 -0.96 -11.38 15.27
CA LEU A 100 -0.53 -10.15 14.59
C LEU A 100 -0.96 -10.46 13.18
N MET A 101 -1.90 -9.66 12.70
CA MET A 101 -2.52 -9.88 11.40
C MET A 101 -2.45 -8.65 10.50
N TYR A 102 -2.52 -8.89 9.19
CA TYR A 102 -2.59 -7.81 8.18
C TYR A 102 -4.02 -7.88 7.69
N ALA A 103 -4.57 -6.75 7.28
CA ALA A 103 -5.97 -6.65 6.88
C ALA A 103 -6.51 -7.62 5.85
N ASN A 104 -5.79 -7.82 4.76
CA ASN A 104 -6.25 -8.70 3.70
C ASN A 104 -6.48 -10.14 4.14
N LEU A 105 -5.62 -10.64 5.01
CA LEU A 105 -5.70 -12.00 5.53
C LEU A 105 -6.94 -12.22 6.38
N VAL A 106 -7.45 -11.16 6.99
CA VAL A 106 -8.67 -11.29 7.78
C VAL A 106 -9.94 -10.92 6.98
N PHE A 107 -9.78 -10.12 5.92
CA PHE A 107 -10.90 -9.69 5.07
C PHE A 107 -11.11 -10.68 3.93
N ASN A 108 -10.05 -11.42 3.60
CA ASN A 108 -10.06 -12.38 2.50
C ASN A 108 -11.34 -13.18 2.33
N ASN A 109 -11.58 -14.11 3.27
CA ASN A 109 -12.76 -14.97 3.25
C ASN A 109 -13.82 -14.51 4.24
N GLY A 110 -14.02 -13.20 4.35
CA GLY A 110 -15.00 -12.66 5.26
C GLY A 110 -14.37 -12.38 6.61
N ILE A 111 -14.65 -11.18 7.12
CA ILE A 111 -14.13 -10.72 8.42
C ILE A 111 -14.73 -11.52 9.56
N ASP A 112 -16.04 -11.74 9.49
CA ASP A 112 -16.78 -12.46 10.50
C ASP A 112 -16.27 -13.88 10.60
N ALA A 113 -16.13 -14.51 9.43
CA ALA A 113 -15.66 -15.87 9.33
C ALA A 113 -14.26 -16.07 9.86
N PHE A 114 -13.43 -15.02 9.79
CA PHE A 114 -12.05 -15.09 10.28
C PHE A 114 -12.02 -15.10 11.81
N TYR A 115 -12.89 -14.31 12.44
CA TYR A 115 -12.93 -14.27 13.90
C TYR A 115 -13.61 -15.50 14.51
N ALA A 116 -14.49 -16.14 13.75
CA ALA A 116 -15.17 -17.34 14.23
C ALA A 116 -14.12 -18.43 14.32
N ARG A 117 -13.20 -18.41 13.36
CA ARG A 117 -12.10 -19.36 13.31
C ARG A 117 -11.18 -19.19 14.51
N CYS A 118 -10.94 -17.94 14.88
CA CYS A 118 -10.09 -17.60 16.02
C CYS A 118 -10.70 -18.16 17.31
N GLU A 119 -11.99 -17.98 17.45
CA GLU A 119 -12.75 -18.47 18.60
C GLU A 119 -12.70 -19.98 18.65
N GLN A 120 -12.81 -20.58 17.48
CA GLN A 120 -12.80 -22.03 17.37
C GLN A 120 -11.44 -22.61 17.79
N VAL A 121 -10.39 -21.94 17.33
CA VAL A 121 -9.00 -22.33 17.59
C VAL A 121 -8.55 -21.98 19.02
N GLY A 122 -9.23 -21.02 19.64
CA GLY A 122 -8.90 -20.61 20.99
C GLY A 122 -8.05 -19.36 21.10
N VAL A 123 -7.97 -18.59 20.02
CA VAL A 123 -7.20 -17.34 20.00
C VAL A 123 -7.86 -16.37 20.98
N ASP A 124 -7.08 -15.52 21.61
CA ASP A 124 -7.62 -14.56 22.59
C ASP A 124 -7.76 -13.13 22.08
N SER A 125 -6.80 -12.69 21.30
CA SER A 125 -6.84 -11.33 20.78
C SER A 125 -6.35 -11.31 19.33
N VAL A 126 -6.60 -10.20 18.66
CA VAL A 126 -6.15 -10.00 17.30
C VAL A 126 -5.86 -8.51 17.08
N LEU A 127 -4.66 -8.25 16.59
CA LEU A 127 -4.19 -6.91 16.27
C LEU A 127 -3.97 -6.93 14.75
N VAL A 128 -4.67 -6.05 14.04
CA VAL A 128 -4.52 -5.96 12.59
C VAL A 128 -3.65 -4.75 12.40
N ALA A 129 -2.38 -5.01 12.12
CA ALA A 129 -1.37 -3.96 11.97
C ALA A 129 -1.76 -2.79 11.09
N ASP A 130 -2.50 -3.05 10.02
CA ASP A 130 -2.85 -1.99 9.09
C ASP A 130 -4.27 -1.45 9.15
N VAL A 131 -4.90 -1.53 10.32
CA VAL A 131 -6.24 -1.00 10.51
C VAL A 131 -6.22 -0.02 11.68
N PRO A 132 -6.39 1.29 11.40
CA PRO A 132 -6.41 2.31 12.46
C PRO A 132 -7.79 2.27 13.13
N VAL A 133 -7.98 2.99 14.23
CA VAL A 133 -9.28 2.99 14.92
C VAL A 133 -10.38 3.48 14.00
N GLU A 134 -10.01 4.44 13.16
CA GLU A 134 -10.88 5.09 12.19
C GLU A 134 -11.52 4.08 11.22
N GLU A 135 -10.83 2.98 11.01
CA GLU A 135 -11.25 1.95 10.06
C GLU A 135 -11.59 0.60 10.71
N SER A 136 -11.54 0.52 12.04
CA SER A 136 -11.76 -0.72 12.80
C SER A 136 -13.16 -1.19 13.12
N ALA A 137 -14.16 -0.38 12.83
CA ALA A 137 -15.53 -0.74 13.17
C ALA A 137 -15.87 -2.21 12.89
N PRO A 138 -15.81 -2.67 11.62
CA PRO A 138 -16.14 -4.07 11.35
C PRO A 138 -15.27 -5.13 12.03
N PHE A 139 -13.98 -4.83 12.22
CA PHE A 139 -13.05 -5.77 12.86
C PHE A 139 -13.36 -5.92 14.38
N ARG A 140 -13.62 -4.78 15.01
CA ARG A 140 -13.94 -4.67 16.44
C ARG A 140 -15.21 -5.48 16.74
N GLN A 141 -16.23 -5.19 15.97
CA GLN A 141 -17.55 -5.80 16.05
C GLN A 141 -17.45 -7.31 15.91
N ALA A 142 -16.75 -7.76 14.86
CA ALA A 142 -16.58 -9.18 14.59
C ALA A 142 -15.81 -9.86 15.74
N ALA A 143 -14.79 -9.19 16.26
CA ALA A 143 -14.01 -9.74 17.36
C ALA A 143 -14.86 -9.94 18.61
N LEU A 144 -15.52 -8.88 19.07
CA LEU A 144 -16.39 -8.92 20.25
C LEU A 144 -17.44 -10.03 20.17
N ARG A 145 -18.06 -10.15 18.99
CA ARG A 145 -19.09 -11.15 18.69
C ARG A 145 -18.58 -12.58 18.86
N HIS A 146 -17.29 -12.78 18.66
CA HIS A 146 -16.71 -14.11 18.81
C HIS A 146 -15.79 -14.25 20.02
N ASN A 147 -16.02 -13.39 21.01
CA ASN A 147 -15.27 -13.41 22.25
C ASN A 147 -13.75 -13.30 22.02
N ILE A 148 -13.38 -12.47 21.04
CA ILE A 148 -11.98 -12.19 20.72
C ILE A 148 -11.80 -10.72 21.05
N ALA A 149 -10.69 -10.40 21.70
CA ALA A 149 -10.39 -9.04 22.09
C ALA A 149 -9.70 -8.28 20.98
N PRO A 150 -10.29 -7.15 20.54
CA PRO A 150 -9.68 -6.34 19.47
C PRO A 150 -8.53 -5.47 20.05
N ILE A 151 -7.29 -5.76 19.67
CA ILE A 151 -6.14 -4.99 20.17
C ILE A 151 -5.86 -3.72 19.38
N PHE A 152 -5.80 -2.59 20.08
CA PHE A 152 -5.55 -1.29 19.45
C PHE A 152 -4.20 -0.73 19.81
N ILE A 153 -3.54 -0.14 18.82
CA ILE A 153 -2.22 0.46 19.03
C ILE A 153 -2.33 1.91 19.46
N CYS A 154 -1.69 2.20 20.59
CA CYS A 154 -1.62 3.55 21.11
C CYS A 154 -0.20 4.06 20.80
N PRO A 155 -0.07 4.93 19.79
CA PRO A 155 1.23 5.50 19.40
C PRO A 155 1.72 6.53 20.42
N PRO A 156 3.04 6.82 20.41
CA PRO A 156 3.62 7.78 21.35
C PRO A 156 3.15 9.23 21.14
N ASN A 157 2.69 9.55 19.93
CA ASN A 157 2.20 10.89 19.59
C ASN A 157 0.69 11.11 19.76
N ALA A 158 -0.02 10.09 20.23
CA ALA A 158 -1.47 10.15 20.39
C ALA A 158 -2.04 11.33 21.18
N ASP A 159 -3.11 11.93 20.66
CA ASP A 159 -3.77 13.04 21.33
C ASP A 159 -4.89 12.50 22.21
N ASP A 160 -5.49 13.35 23.02
CA ASP A 160 -6.55 12.91 23.93
C ASP A 160 -7.65 12.10 23.28
N ASP A 161 -8.07 12.52 22.08
CA ASP A 161 -9.13 11.83 21.33
C ASP A 161 -8.79 10.41 20.94
N LEU A 162 -7.55 10.16 20.54
CA LEU A 162 -7.11 8.82 20.16
C LEU A 162 -7.09 7.98 21.44
N LEU A 163 -6.49 8.53 22.50
CA LEU A 163 -6.39 7.84 23.78
C LEU A 163 -7.75 7.39 24.31
N ARG A 164 -8.73 8.29 24.26
CA ARG A 164 -10.09 8.02 24.73
C ARG A 164 -10.77 6.95 23.86
N GLN A 165 -10.38 6.89 22.59
CA GLN A 165 -10.92 5.94 21.62
C GLN A 165 -10.36 4.55 21.90
N VAL A 166 -9.04 4.47 21.99
CA VAL A 166 -8.34 3.22 22.26
C VAL A 166 -8.83 2.57 23.55
N ALA A 167 -9.07 3.40 24.55
CA ALA A 167 -9.52 2.92 25.86
C ALA A 167 -10.91 2.31 25.80
N SER A 168 -11.78 2.92 25.01
CA SER A 168 -13.16 2.49 24.87
C SER A 168 -13.34 1.24 24.01
N TYR A 169 -12.65 1.18 22.88
CA TYR A 169 -12.78 0.06 21.96
C TYR A 169 -11.91 -1.16 22.29
N GLY A 170 -10.63 -0.92 22.57
CA GLY A 170 -9.71 -2.01 22.88
C GLY A 170 -10.15 -2.99 23.96
N ARG A 171 -9.51 -4.14 24.00
CA ARG A 171 -9.79 -5.20 24.99
C ARG A 171 -8.55 -6.08 25.16
N GLY A 172 -8.44 -6.77 26.29
CA GLY A 172 -7.29 -7.62 26.54
C GLY A 172 -6.09 -6.84 27.05
N TYR A 173 -5.51 -6.05 26.15
CA TYR A 173 -4.38 -5.19 26.49
C TYR A 173 -4.28 -4.09 25.43
N THR A 174 -3.70 -2.96 25.82
CA THR A 174 -3.49 -1.83 24.92
C THR A 174 -2.06 -1.97 24.44
N TYR A 175 -1.85 -1.91 23.13
CA TYR A 175 -0.49 -2.03 22.59
C TYR A 175 0.17 -0.66 22.60
N LEU A 176 1.04 -0.43 23.59
CA LEU A 176 1.73 0.84 23.70
C LEU A 176 2.94 0.87 22.80
N LEU A 177 2.94 1.77 21.83
CA LEU A 177 4.04 1.88 20.91
C LEU A 177 5.21 2.66 21.52
N SER A 178 6.32 1.97 21.73
CA SER A 178 7.53 2.53 22.32
C SER A 178 8.13 3.60 21.42
N ARG A 179 8.01 3.35 20.11
CA ARG A 179 8.62 4.16 19.06
C ARG A 179 7.70 4.46 17.88
N SER A 180 8.30 5.11 16.90
CA SER A 180 7.68 5.43 15.63
C SER A 180 8.39 4.40 14.73
N GLY A 181 8.14 4.41 13.42
CA GLY A 181 8.79 3.45 12.55
C GLY A 181 8.23 2.03 12.62
N VAL A 182 9.04 1.06 12.19
CA VAL A 182 8.64 -0.35 12.16
C VAL A 182 9.23 -1.23 13.27
N THR A 183 8.89 -2.52 13.24
CA THR A 183 9.37 -3.49 14.22
C THR A 183 10.87 -3.73 14.07
N GLY A 184 11.65 -3.38 15.09
CA GLY A 184 13.08 -3.59 14.99
C GLY A 184 13.84 -3.42 16.29
N ALA A 185 14.66 -4.41 16.63
CA ALA A 185 15.48 -4.39 17.85
C ALA A 185 16.71 -3.50 17.63
N GLU A 186 16.89 -3.10 16.38
CA GLU A 186 17.99 -2.24 15.92
C GLU A 186 18.03 -0.87 16.62
N ASN A 187 16.84 -0.31 16.88
CA ASN A 187 16.70 0.98 17.54
C ASN A 187 15.82 0.80 18.77
N ARG A 188 16.11 1.59 19.81
CA ARG A 188 15.38 1.54 21.08
C ARG A 188 13.98 2.17 21.05
N GLY A 189 13.88 3.40 21.54
CA GLY A 189 12.61 4.10 21.58
C GLY A 189 12.54 5.22 22.61
N PRO A 192 9.30 8.36 27.01
CA PRO A 192 8.68 8.89 28.26
C PRO A 192 7.18 8.64 28.18
N LEU A 193 6.81 7.38 28.23
CA LEU A 193 5.41 6.97 28.11
C LEU A 193 4.58 7.14 29.39
N HIS A 194 5.10 7.93 30.34
CA HIS A 194 4.42 8.16 31.62
C HIS A 194 3.02 8.74 31.50
N HIS A 195 2.88 9.82 30.73
CA HIS A 195 1.60 10.48 30.55
C HIS A 195 0.57 9.63 29.83
N LEU A 196 1.00 8.91 28.81
CA LEU A 196 0.09 8.07 28.05
C LEU A 196 -0.44 6.93 28.90
N ILE A 197 0.40 6.37 29.76
CA ILE A 197 0.01 5.26 30.63
C ILE A 197 -0.95 5.65 31.76
N GLU A 198 -0.82 6.89 32.24
CA GLU A 198 -1.68 7.42 33.30
C GLU A 198 -3.03 7.75 32.71
N LYS A 199 -2.98 8.33 31.52
CA LYS A 199 -4.16 8.72 30.79
C LYS A 199 -4.97 7.46 30.43
N LEU A 200 -4.30 6.44 29.90
CA LEU A 200 -4.94 5.17 29.56
C LEU A 200 -5.53 4.51 30.80
N LYS A 201 -4.84 4.61 31.92
CA LYS A 201 -5.32 4.04 33.18
C LYS A 201 -6.52 4.84 33.66
N GLU A 202 -6.47 6.14 33.38
CA GLU A 202 -7.51 7.09 33.72
C GLU A 202 -8.81 6.78 32.98
N TYR A 203 -8.67 6.35 31.72
CA TYR A 203 -9.83 6.02 30.89
C TYR A 203 -10.27 4.55 30.95
N HIS A 204 -9.79 3.82 31.96
CA HIS A 204 -10.14 2.42 32.17
C HIS A 204 -9.77 1.54 30.98
N ALA A 205 -8.67 1.86 30.32
CA ALA A 205 -8.18 1.11 29.17
C ALA A 205 -7.70 -0.26 29.62
N ALA A 206 -7.48 -1.16 28.67
CA ALA A 206 -6.98 -2.49 29.00
C ALA A 206 -5.53 -2.29 29.44
N PRO A 207 -4.99 -3.20 30.29
CA PRO A 207 -3.60 -3.06 30.73
C PRO A 207 -2.69 -2.84 29.52
N ALA A 208 -1.77 -1.90 29.65
CA ALA A 208 -0.86 -1.59 28.55
C ALA A 208 0.40 -2.46 28.47
N LEU A 209 0.69 -2.90 27.25
CA LEU A 209 1.86 -3.70 26.97
C LEU A 209 2.69 -2.86 25.99
N GLN A 210 3.94 -2.60 26.36
CA GLN A 210 4.86 -1.81 25.53
C GLN A 210 5.58 -2.68 24.50
N GLY A 211 5.48 -2.29 23.23
CA GLY A 211 6.12 -3.05 22.16
C GLY A 211 6.91 -2.17 21.21
N PHE A 212 7.94 -2.77 20.62
CA PHE A 212 8.88 -2.12 19.67
C PHE A 212 10.21 -1.74 20.35
N GLY A 213 11.30 -2.33 19.85
CA GLY A 213 12.61 -2.06 20.38
C GLY A 213 13.01 -2.73 21.70
N ILE A 214 12.05 -3.32 22.41
CA ILE A 214 12.28 -3.98 23.71
C ILE A 214 13.12 -5.25 23.52
N SER A 215 14.43 -5.16 23.77
CA SER A 215 15.30 -6.31 23.58
C SER A 215 16.26 -6.66 24.70
N SER A 216 16.16 -5.94 25.81
CA SER A 216 17.03 -6.18 26.96
C SER A 216 16.23 -6.24 28.27
N PRO A 217 16.72 -7.04 29.24
CA PRO A 217 16.08 -7.21 30.55
C PRO A 217 15.75 -5.88 31.24
N GLU A 218 16.66 -4.92 31.08
CA GLU A 218 16.48 -3.61 31.67
C GLU A 218 15.34 -2.83 31.06
N GLN A 219 15.03 -3.14 29.82
CA GLN A 219 13.98 -2.47 29.09
C GLN A 219 12.59 -2.88 29.63
N VAL A 220 12.41 -4.16 29.96
CA VAL A 220 11.12 -4.59 30.49
C VAL A 220 10.87 -4.11 31.95
N SER A 221 11.92 -4.02 32.75
CA SER A 221 11.78 -3.55 34.14
C SER A 221 11.42 -2.08 34.09
N ALA A 222 12.00 -1.37 33.13
CA ALA A 222 11.72 0.05 32.93
C ALA A 222 10.26 0.22 32.51
N ALA A 223 9.77 -0.69 31.66
CA ALA A 223 8.38 -0.63 31.19
C ALA A 223 7.42 -0.76 32.37
N VAL A 224 7.72 -1.70 33.25
CA VAL A 224 6.91 -1.98 34.45
C VAL A 224 6.92 -0.82 35.44
N ARG A 225 8.09 -0.22 35.63
CA ARG A 225 8.28 0.91 36.55
C ARG A 225 7.44 2.13 36.16
N ALA A 226 7.34 2.37 34.85
CA ALA A 226 6.56 3.49 34.31
C ALA A 226 5.05 3.35 34.50
N GLY A 227 4.60 2.13 34.80
CA GLY A 227 3.17 1.88 34.99
C GLY A 227 2.53 0.90 34.00
N ALA A 228 3.33 0.36 33.08
CA ALA A 228 2.84 -0.59 32.09
C ALA A 228 2.71 -1.96 32.73
N ALA A 229 1.78 -2.77 32.24
CA ALA A 229 1.57 -4.10 32.78
C ALA A 229 2.56 -5.11 32.21
N GLY A 230 3.28 -4.71 31.16
CA GLY A 230 4.24 -5.62 30.58
C GLY A 230 4.93 -5.11 29.34
N ALA A 231 5.65 -6.01 28.68
CA ALA A 231 6.40 -5.68 27.48
C ALA A 231 6.37 -6.81 26.45
N ILE A 232 6.26 -6.41 25.18
CA ILE A 232 6.26 -7.33 24.03
C ILE A 232 7.61 -7.20 23.34
N SER A 233 8.21 -8.33 22.99
CA SER A 233 9.51 -8.36 22.32
C SER A 233 9.49 -9.35 21.15
N GLY A 234 9.80 -8.88 19.95
CA GLY A 234 9.80 -9.75 18.80
C GLY A 234 11.09 -9.93 18.03
N SER A 235 11.62 -8.85 17.46
CA SER A 235 12.88 -8.96 16.69
C SER A 235 14.03 -9.59 17.47
N ALA A 236 14.07 -9.39 18.79
CA ALA A 236 15.13 -9.96 19.63
C ALA A 236 14.99 -11.47 19.70
N ILE A 237 13.76 -11.96 19.60
CA ILE A 237 13.49 -13.38 19.64
C ILE A 237 13.78 -13.96 18.26
N VAL A 238 13.16 -13.36 17.24
CA VAL A 238 13.33 -13.78 15.86
C VAL A 238 14.80 -13.76 15.46
N LYS A 239 15.57 -12.81 16.01
CA LYS A 239 16.99 -12.75 15.70
C LYS A 239 17.73 -14.00 16.19
N ILE A 240 17.23 -14.65 17.25
CA ILE A 240 17.85 -15.89 17.76
C ILE A 240 17.57 -17.07 16.84
N ILE A 241 16.36 -17.09 16.25
CA ILE A 241 15.97 -18.12 15.30
C ILE A 241 16.85 -17.94 14.06
N GLU A 242 16.98 -16.69 13.61
CA GLU A 242 17.79 -16.32 12.46
C GLU A 242 19.25 -16.74 12.67
N LYS A 243 19.72 -16.55 13.90
CA LYS A 243 21.09 -16.88 14.30
C LYS A 243 21.43 -18.36 14.26
N ASN A 244 20.49 -19.19 14.71
CA ASN A 244 20.71 -20.63 14.81
C ASN A 244 19.92 -21.51 13.86
N LEU A 245 19.83 -21.13 12.58
CA LEU A 245 19.09 -21.92 11.61
C LEU A 245 19.70 -23.29 11.38
N ALA A 246 21.03 -23.37 11.45
CA ALA A 246 21.77 -24.61 11.25
C ALA A 246 21.93 -25.44 12.52
N SER A 247 21.35 -24.98 13.63
CA SER A 247 21.42 -25.70 14.88
C SER A 247 20.15 -25.52 15.72
N PRO A 248 19.09 -26.26 15.36
CA PRO A 248 17.78 -26.24 16.03
C PRO A 248 17.86 -26.39 17.55
N LYS A 249 18.71 -27.31 17.99
CA LYS A 249 18.90 -27.59 19.42
C LYS A 249 19.50 -26.37 20.14
N GLN A 250 20.44 -25.71 19.45
CA GLN A 250 21.13 -24.53 19.97
C GLN A 250 20.13 -23.39 20.05
N MET A 251 19.23 -23.35 19.05
CA MET A 251 18.18 -22.35 18.95
C MET A 251 17.31 -22.34 20.19
N LEU A 252 16.86 -23.53 20.57
CA LEU A 252 15.99 -23.70 21.74
C LEU A 252 16.67 -23.27 23.04
N ALA A 253 17.90 -23.76 23.25
CA ALA A 253 18.66 -23.43 24.46
C ALA A 253 18.93 -21.93 24.56
N GLU A 254 19.15 -21.28 23.42
CA GLU A 254 19.42 -19.85 23.39
C GLU A 254 18.15 -19.04 23.57
N LEU A 255 17.04 -19.59 23.09
CA LEU A 255 15.71 -18.98 23.20
C LEU A 255 15.30 -19.02 24.67
N ARG A 256 15.64 -20.12 25.32
CA ARG A 256 15.38 -20.34 26.74
C ARG A 256 16.08 -19.34 27.65
N SER A 257 17.38 -19.17 27.44
CA SER A 257 18.19 -18.24 28.25
C SER A 257 17.69 -16.83 28.10
N PHE A 258 17.31 -16.45 26.88
CA PHE A 258 16.85 -15.10 26.64
C PHE A 258 15.55 -14.81 27.31
N VAL A 259 14.55 -15.68 27.15
CA VAL A 259 13.26 -15.39 27.78
C VAL A 259 13.26 -15.54 29.30
N SER A 260 14.22 -16.29 29.85
CA SER A 260 14.34 -16.43 31.31
C SER A 260 14.86 -15.09 31.85
N ALA A 261 15.88 -14.57 31.20
CA ALA A 261 16.49 -13.29 31.56
C ALA A 261 15.45 -12.19 31.50
N MET A 262 14.62 -12.24 30.46
CA MET A 262 13.56 -11.28 30.21
C MET A 262 12.37 -11.35 31.18
N LYS A 263 11.91 -12.56 31.50
CA LYS A 263 10.79 -12.73 32.43
C LYS A 263 11.21 -12.33 33.83
N ALA A 264 12.42 -12.73 34.22
CA ALA A 264 12.94 -12.42 35.55
C ALA A 264 12.97 -10.92 35.81
N ALA A 265 13.26 -10.16 34.76
CA ALA A 265 13.33 -8.70 34.83
C ALA A 265 12.00 -8.00 35.06
N SER A 266 10.90 -8.75 34.98
CA SER A 266 9.56 -8.17 35.17
C SER A 266 9.02 -8.46 36.57
N ARG A 267 9.71 -9.36 37.27
CA ARG A 267 9.33 -9.76 38.62
C ARG A 267 9.65 -8.68 39.66
N THR B 3 -12.00 13.25 9.05
CA THR B 3 -11.41 13.84 7.80
C THR B 3 -12.31 14.93 7.24
N LEU B 4 -11.74 15.83 6.43
CA LEU B 4 -12.49 16.93 5.83
C LEU B 4 -13.24 16.45 4.57
N LEU B 5 -12.70 15.41 3.94
CA LEU B 5 -13.30 14.86 2.74
C LEU B 5 -13.65 13.38 2.94
N ASN B 6 -14.47 12.85 2.04
CA ASN B 6 -14.89 11.45 2.13
C ASN B 6 -13.74 10.56 1.63
N PRO B 7 -13.25 9.62 2.46
CA PRO B 7 -12.16 8.72 2.09
C PRO B 7 -12.56 7.58 1.16
N TYR B 8 -13.86 7.44 0.95
CA TYR B 8 -14.42 6.38 0.13
C TYR B 8 -15.21 6.80 -1.09
N PHE B 9 -15.23 5.90 -2.06
CA PHE B 9 -15.95 6.03 -3.30
C PHE B 9 -16.81 4.78 -3.19
N GLY B 10 -17.95 4.92 -2.52
CA GLY B 10 -18.83 3.80 -2.27
C GLY B 10 -18.10 2.87 -1.30
N GLU B 11 -17.94 1.61 -1.70
CA GLU B 11 -17.24 0.58 -0.92
C GLU B 11 -15.72 0.74 -0.95
N PHE B 12 -15.23 1.41 -1.97
CA PHE B 12 -13.79 1.53 -2.24
C PHE B 12 -13.02 2.71 -1.69
N GLY B 13 -11.78 2.43 -1.27
CA GLY B 13 -10.92 3.48 -0.73
C GLY B 13 -10.50 3.22 0.70
N GLY B 14 -10.60 4.27 1.51
CA GLY B 14 -10.24 4.12 2.90
C GLY B 14 -8.85 4.61 3.29
N MET B 15 -8.47 4.28 4.51
CA MET B 15 -7.19 4.71 5.06
C MET B 15 -6.63 3.54 5.85
N TYR B 16 -6.34 2.45 5.17
CA TYR B 16 -5.82 1.26 5.84
C TYR B 16 -4.32 1.27 6.10
N VAL B 17 -3.89 2.18 6.96
CA VAL B 17 -2.47 2.27 7.32
C VAL B 17 -2.33 2.12 8.83
N PRO B 18 -1.15 1.70 9.31
CA PRO B 18 -0.97 1.57 10.76
C PRO B 18 -1.34 2.90 11.42
N GLN B 19 -1.81 2.84 12.67
CA GLN B 19 -2.19 4.03 13.44
C GLN B 19 -1.17 5.16 13.34
N ILE B 20 0.10 4.79 13.37
CA ILE B 20 1.23 5.72 13.32
C ILE B 20 1.27 6.73 12.14
N LEU B 21 0.75 6.32 10.98
CA LEU B 21 0.73 7.17 9.77
C LEU B 21 -0.54 8.02 9.56
N MET B 22 -1.52 7.82 10.43
CA MET B 22 -2.77 8.54 10.35
C MET B 22 -2.60 10.08 10.43
N PRO B 23 -1.78 10.59 11.39
CA PRO B 23 -1.60 12.06 11.48
C PRO B 23 -0.94 12.62 10.23
N ALA B 24 -0.11 11.81 9.57
CA ALA B 24 0.56 12.19 8.34
C ALA B 24 -0.44 12.26 7.19
N LEU B 25 -1.51 11.49 7.29
CA LEU B 25 -2.53 11.49 6.25
C LEU B 25 -3.53 12.63 6.49
N ASN B 26 -3.82 12.94 7.75
CA ASN B 26 -4.76 14.03 8.06
C ASN B 26 -4.08 15.37 7.77
N GLN B 27 -2.78 15.42 8.04
CA GLN B 27 -1.98 16.62 7.78
C GLN B 27 -2.02 16.91 6.29
N LEU B 28 -1.70 15.90 5.49
CA LEU B 28 -1.67 16.03 4.05
C LEU B 28 -2.99 16.49 3.51
N GLU B 29 -4.06 15.95 4.05
CA GLU B 29 -5.39 16.33 3.60
C GLU B 29 -5.72 17.80 3.81
N GLU B 30 -5.38 18.33 4.98
CA GLU B 30 -5.65 19.74 5.28
C GLU B 30 -4.79 20.60 4.38
N ALA B 31 -3.55 20.18 4.15
CA ALA B 31 -2.67 20.95 3.29
C ALA B 31 -3.27 21.03 1.88
N PHE B 32 -3.95 19.96 1.48
CA PHE B 32 -4.58 19.90 0.16
C PHE B 32 -5.83 20.76 0.06
N VAL B 33 -6.70 20.70 1.07
CA VAL B 33 -7.91 21.50 1.07
C VAL B 33 -7.55 22.98 1.05
N ARG B 34 -6.52 23.36 1.81
CA ARG B 34 -6.04 24.74 1.86
C ARG B 34 -5.46 25.16 0.52
N ALA B 35 -4.50 24.36 0.03
CA ALA B 35 -3.83 24.61 -1.25
C ALA B 35 -4.85 24.80 -2.37
N GLN B 36 -5.82 23.89 -2.41
CA GLN B 36 -6.90 23.87 -3.37
C GLN B 36 -7.69 25.18 -3.42
N LYS B 37 -7.80 25.84 -2.28
CA LYS B 37 -8.54 27.08 -2.15
C LYS B 37 -7.59 28.28 -2.27
N ASP B 38 -6.31 28.00 -2.39
CA ASP B 38 -5.28 29.02 -2.45
C ASP B 38 -4.94 29.51 -3.86
N PRO B 39 -5.38 30.73 -4.21
CA PRO B 39 -5.11 31.28 -5.55
C PRO B 39 -3.61 31.46 -5.80
N GLU B 40 -2.85 31.59 -4.71
CA GLU B 40 -1.41 31.76 -4.82
C GLU B 40 -0.73 30.41 -5.12
N PHE B 41 -1.31 29.32 -4.61
CA PHE B 41 -0.78 27.97 -4.87
C PHE B 41 -1.17 27.61 -6.32
N GLN B 42 -2.42 27.91 -6.65
CA GLN B 42 -3.02 27.66 -7.95
C GLN B 42 -2.20 28.31 -9.08
N ALA B 43 -1.79 29.56 -8.90
CA ALA B 43 -0.99 30.25 -9.92
C ALA B 43 0.45 29.72 -10.00
N GLN B 44 0.96 29.26 -8.87
CA GLN B 44 2.31 28.72 -8.81
C GLN B 44 2.37 27.38 -9.54
N PHE B 45 1.31 26.59 -9.36
CA PHE B 45 1.19 25.28 -9.99
C PHE B 45 0.93 25.46 -11.50
N ALA B 46 0.05 26.39 -11.87
CA ALA B 46 -0.27 26.66 -13.28
C ALA B 46 0.98 27.18 -14.01
N ASP B 47 1.79 27.95 -13.31
CA ASP B 47 3.01 28.50 -13.89
C ASP B 47 4.01 27.38 -14.23
N LEU B 48 4.23 26.47 -13.28
CA LEU B 48 5.14 25.32 -13.45
C LEU B 48 4.65 24.36 -14.56
N LEU B 49 3.35 24.12 -14.57
CA LEU B 49 2.75 23.24 -15.57
C LEU B 49 3.00 23.80 -16.99
N LYS B 50 2.79 25.11 -17.11
CA LYS B 50 2.94 25.85 -18.36
C LYS B 50 4.35 26.11 -18.83
N ASN B 51 5.08 26.94 -18.10
CA ASN B 51 6.44 27.32 -18.46
C ASN B 51 7.54 26.33 -18.23
N TYR B 52 7.26 25.30 -17.45
CA TYR B 52 8.25 24.25 -17.16
C TYR B 52 7.88 22.90 -17.78
N ALA B 53 6.62 22.49 -17.63
CA ALA B 53 6.17 21.20 -18.16
C ALA B 53 5.76 21.14 -19.64
N GLY B 54 5.12 22.20 -20.14
CA GLY B 54 4.70 22.21 -21.53
C GLY B 54 3.18 22.30 -21.75
N ARG B 55 2.47 22.51 -20.65
CA ARG B 55 1.02 22.66 -20.63
C ARG B 55 0.66 23.92 -21.42
N PRO B 56 -0.39 23.87 -22.23
CA PRO B 56 -1.28 22.73 -22.50
C PRO B 56 -0.69 21.83 -23.59
N THR B 57 -0.90 20.52 -23.47
CA THR B 57 -0.41 19.59 -24.48
C THR B 57 -1.39 19.57 -25.65
N ALA B 58 -0.93 19.10 -26.80
CA ALA B 58 -1.77 19.06 -28.00
C ALA B 58 -2.85 17.98 -28.03
N LEU B 59 -3.84 18.20 -28.90
CA LEU B 59 -4.91 17.24 -29.15
C LEU B 59 -4.77 17.04 -30.66
N THR B 60 -4.24 15.89 -31.04
CA THR B 60 -3.98 15.55 -32.43
C THR B 60 -5.02 14.66 -33.11
N LYS B 61 -5.58 15.12 -34.23
CA LYS B 61 -6.52 14.34 -35.02
C LYS B 61 -5.74 13.32 -35.82
N CYS B 62 -5.99 12.04 -35.61
CA CYS B 62 -5.30 11.02 -36.37
C CYS B 62 -6.11 10.66 -37.60
N GLN B 63 -5.78 11.28 -38.72
CA GLN B 63 -6.49 11.05 -39.96
C GLN B 63 -6.12 9.75 -40.71
N ASN B 64 -4.84 9.53 -40.98
CA ASN B 64 -4.40 8.33 -41.68
C ASN B 64 -4.87 7.05 -41.00
N ILE B 65 -4.83 7.05 -39.68
CA ILE B 65 -5.21 5.87 -38.94
C ILE B 65 -6.68 5.44 -39.11
N THR B 66 -7.60 6.41 -39.20
CA THR B 66 -9.01 6.10 -39.34
C THR B 66 -9.62 6.22 -40.73
N ALA B 67 -8.78 6.24 -41.77
CA ALA B 67 -9.28 6.36 -43.14
C ALA B 67 -10.03 5.09 -43.53
N GLY B 68 -11.16 5.26 -44.22
CA GLY B 68 -11.96 4.12 -44.64
C GLY B 68 -12.98 3.66 -43.61
N THR B 69 -13.23 4.49 -42.59
CA THR B 69 -14.18 4.18 -41.52
C THR B 69 -14.88 5.47 -41.13
N ARG B 70 -15.87 5.36 -40.25
CA ARG B 70 -16.64 6.52 -39.82
C ARG B 70 -16.19 6.99 -38.44
N THR B 71 -14.97 6.62 -38.05
CA THR B 71 -14.40 7.02 -36.76
C THR B 71 -13.49 8.25 -36.91
N THR B 72 -13.70 9.25 -36.05
CA THR B 72 -12.82 10.43 -36.01
C THR B 72 -12.11 10.27 -34.65
N LEU B 73 -10.81 10.03 -34.72
CA LEU B 73 -9.97 9.83 -33.55
C LEU B 73 -8.99 10.99 -33.31
N TYR B 74 -8.89 11.37 -32.03
CA TYR B 74 -7.99 12.41 -31.54
C TYR B 74 -7.12 11.77 -30.47
N LEU B 75 -5.96 12.37 -30.23
CA LEU B 75 -5.06 11.88 -29.19
C LEU B 75 -4.61 13.01 -28.29
N LYS B 76 -4.90 12.90 -26.99
CA LYS B 76 -4.43 13.86 -25.98
C LYS B 76 -2.94 13.56 -25.83
N ARG B 77 -2.12 14.49 -26.30
CA ARG B 77 -0.68 14.35 -26.34
C ARG B 77 0.14 14.54 -25.06
N GLU B 78 -0.03 13.61 -24.12
CA GLU B 78 0.65 13.69 -22.84
C GLU B 78 2.08 13.17 -23.03
N ASP B 79 2.39 12.73 -24.26
CA ASP B 79 3.72 12.24 -24.59
C ASP B 79 4.68 13.41 -24.82
N LEU B 80 4.09 14.59 -25.03
CA LEU B 80 4.80 15.85 -25.30
C LEU B 80 5.12 16.67 -24.04
N LEU B 81 4.64 16.16 -22.89
CA LEU B 81 4.85 16.79 -21.59
C LEU B 81 6.30 16.48 -21.16
N HIS B 82 6.91 17.39 -20.42
CA HIS B 82 8.29 17.21 -19.94
C HIS B 82 8.42 15.90 -19.16
N GLY B 83 9.41 15.09 -19.53
CA GLY B 83 9.61 13.80 -18.88
C GLY B 83 9.04 12.67 -19.72
N GLY B 84 8.17 13.03 -20.68
CA GLY B 84 7.57 12.07 -21.58
C GLY B 84 6.35 11.31 -21.10
N ALA B 85 5.66 11.83 -20.09
CA ALA B 85 4.47 11.17 -19.56
C ALA B 85 3.64 12.09 -18.67
N HIS B 86 2.37 11.76 -18.50
CA HIS B 86 1.44 12.54 -17.69
C HIS B 86 1.87 12.61 -16.22
N LYS B 87 2.74 11.69 -15.82
CA LYS B 87 3.19 11.59 -14.43
C LYS B 87 3.77 12.90 -13.90
N THR B 88 4.31 13.73 -14.79
CA THR B 88 4.92 15.01 -14.43
C THR B 88 3.95 16.02 -13.82
N ASN B 89 2.71 16.08 -14.32
CA ASN B 89 1.74 17.04 -13.79
C ASN B 89 1.61 16.89 -12.29
N GLN B 90 1.41 15.64 -11.92
CA GLN B 90 1.19 15.16 -10.57
C GLN B 90 2.27 15.52 -9.56
N VAL B 91 3.48 15.03 -9.83
CA VAL B 91 4.58 15.25 -8.93
C VAL B 91 4.90 16.73 -8.70
N LEU B 92 4.60 17.58 -9.67
CA LEU B 92 4.84 19.00 -9.50
C LEU B 92 3.94 19.54 -8.39
N GLY B 93 2.64 19.22 -8.49
CA GLY B 93 1.69 19.68 -7.48
C GLY B 93 1.92 19.05 -6.12
N GLN B 94 2.34 17.79 -6.07
CA GLN B 94 2.60 17.10 -4.81
C GLN B 94 3.88 17.66 -4.14
N ALA B 95 4.84 18.06 -4.96
CA ALA B 95 6.09 18.63 -4.48
C ALA B 95 5.85 20.01 -3.88
N LEU B 96 4.93 20.76 -4.45
CA LEU B 96 4.60 22.09 -3.92
C LEU B 96 3.84 21.93 -2.61
N LEU B 97 3.11 20.83 -2.49
CA LEU B 97 2.33 20.52 -1.31
C LEU B 97 3.28 20.17 -0.20
N ALA B 98 4.35 19.46 -0.55
CA ALA B 98 5.36 19.09 0.44
C ALA B 98 6.00 20.38 0.95
N LYS B 99 6.30 21.29 0.04
CA LYS B 99 6.94 22.54 0.39
C LYS B 99 5.99 23.41 1.23
N ARG B 100 4.69 23.36 0.91
CA ARG B 100 3.65 24.10 1.65
C ARG B 100 3.58 23.56 3.07
N MET B 101 3.88 22.28 3.20
CA MET B 101 3.85 21.63 4.49
C MET B 101 5.16 21.84 5.24
N GLY B 102 6.07 22.64 4.67
CA GLY B 102 7.34 22.89 5.32
C GLY B 102 8.30 21.72 5.21
N LYS B 103 7.87 20.71 4.48
CA LYS B 103 8.67 19.52 4.27
C LYS B 103 9.77 19.85 3.25
N SER B 104 10.91 19.20 3.35
CA SER B 104 12.01 19.44 2.42
C SER B 104 12.63 18.13 1.93
N GLU B 105 11.87 17.05 2.09
CA GLU B 105 12.33 15.71 1.70
C GLU B 105 11.20 14.98 0.98
N ILE B 106 11.54 14.20 -0.06
CA ILE B 106 10.56 13.43 -0.82
C ILE B 106 10.91 11.94 -0.82
N ILE B 107 9.89 11.10 -0.60
CA ILE B 107 10.06 9.64 -0.62
C ILE B 107 9.27 9.13 -1.82
N ALA B 108 9.85 8.24 -2.62
CA ALA B 108 9.14 7.75 -3.78
C ALA B 108 9.27 6.26 -4.02
N GLU B 109 8.25 5.80 -4.71
CA GLU B 109 7.98 4.43 -5.11
C GLU B 109 8.04 4.34 -6.63
N THR B 110 8.69 3.31 -7.17
CA THR B 110 8.75 3.17 -8.63
C THR B 110 8.95 1.74 -9.14
N GLY B 111 8.31 1.42 -10.26
CA GLY B 111 8.43 0.09 -10.83
C GLY B 111 9.17 0.16 -12.16
N ALA B 112 8.48 0.69 -13.16
CA ALA B 112 9.03 0.86 -14.50
C ALA B 112 10.16 1.91 -14.47
N GLY B 113 10.05 2.87 -13.55
CA GLY B 113 11.06 3.90 -13.45
C GLY B 113 10.48 5.27 -13.72
N GLN B 114 9.37 5.30 -14.43
CA GLN B 114 8.70 6.55 -14.76
C GLN B 114 8.29 7.45 -13.58
N HIS B 115 7.74 6.88 -12.52
CA HIS B 115 7.37 7.73 -11.39
C HIS B 115 8.63 8.26 -10.72
N GLY B 116 9.66 7.43 -10.69
CA GLY B 116 10.92 7.82 -10.08
C GLY B 116 11.58 8.97 -10.78
N VAL B 117 11.59 8.92 -12.11
CA VAL B 117 12.20 9.96 -12.93
C VAL B 117 11.45 11.28 -12.76
N ALA B 118 10.12 11.19 -12.67
CA ALA B 118 9.28 12.37 -12.50
C ALA B 118 9.43 12.92 -11.08
N SER B 119 9.50 12.04 -10.09
CA SER B 119 9.65 12.48 -8.72
C SER B 119 11.01 13.17 -8.58
N ALA B 120 12.03 12.56 -9.19
CA ALA B 120 13.39 13.09 -9.17
C ALA B 120 13.50 14.44 -9.84
N LEU B 121 12.84 14.63 -10.99
CA LEU B 121 12.91 15.92 -11.68
C LEU B 121 12.21 17.06 -10.91
N ALA B 122 11.07 16.75 -10.32
CA ALA B 122 10.29 17.71 -9.54
C ALA B 122 11.10 18.21 -8.35
N SER B 123 11.75 17.29 -7.65
CA SER B 123 12.57 17.59 -6.48
C SER B 123 13.78 18.44 -6.85
N ALA B 124 14.40 18.11 -7.99
CA ALA B 124 15.56 18.84 -8.47
C ALA B 124 15.15 20.28 -8.72
N LEU B 125 13.98 20.45 -9.35
CA LEU B 125 13.49 21.79 -9.63
C LEU B 125 13.10 22.56 -8.37
N LEU B 126 12.45 21.87 -7.43
CA LEU B 126 11.98 22.53 -6.22
C LEU B 126 12.83 22.45 -4.95
N GLY B 127 14.09 22.06 -5.09
CA GLY B 127 14.99 21.98 -3.96
C GLY B 127 14.60 21.02 -2.85
N LEU B 128 14.07 19.86 -3.22
CA LEU B 128 13.68 18.85 -2.25
C LEU B 128 14.70 17.73 -2.38
N LYS B 129 14.97 17.05 -1.28
CA LYS B 129 15.93 15.96 -1.26
C LYS B 129 15.11 14.70 -1.61
N CYS B 130 15.53 13.95 -2.63
CA CYS B 130 14.76 12.79 -3.05
C CYS B 130 15.34 11.41 -2.78
N ARG B 131 14.52 10.61 -2.10
CA ARG B 131 14.78 9.22 -1.69
C ARG B 131 13.86 8.34 -2.57
N ILE B 132 14.40 7.48 -3.41
CA ILE B 132 13.56 6.64 -4.25
C ILE B 132 13.78 5.16 -4.02
N TYR B 133 12.67 4.44 -3.92
CA TYR B 133 12.64 3.00 -3.66
C TYR B 133 12.22 2.15 -4.87
N MET B 134 13.11 1.25 -5.27
CA MET B 134 12.89 0.37 -6.41
C MET B 134 13.29 -1.07 -6.12
N GLY B 135 12.39 -2.01 -6.43
CA GLY B 135 12.66 -3.41 -6.23
C GLY B 135 13.84 -3.83 -7.08
N ALA B 136 14.78 -4.58 -6.50
CA ALA B 136 15.98 -5.05 -7.17
C ALA B 136 15.78 -5.60 -8.57
N LYS B 137 14.66 -6.30 -8.79
CA LYS B 137 14.34 -6.88 -10.09
C LYS B 137 14.12 -5.77 -11.09
N ASP B 138 13.52 -4.67 -10.64
CA ASP B 138 13.27 -3.51 -11.49
C ASP B 138 14.53 -2.66 -11.70
N VAL B 139 15.39 -2.60 -10.69
CA VAL B 139 16.64 -1.84 -10.77
C VAL B 139 17.53 -2.40 -11.87
N GLU B 140 17.67 -3.73 -11.88
CA GLU B 140 18.48 -4.44 -12.87
C GLU B 140 17.84 -4.29 -14.26
N ARG B 141 16.51 -4.37 -14.26
CA ARG B 141 15.65 -4.28 -15.43
C ARG B 141 15.55 -2.87 -16.02
N GLN B 142 15.89 -1.86 -15.23
CA GLN B 142 15.74 -0.48 -15.69
C GLN B 142 16.96 0.42 -15.52
N SER B 143 18.11 -0.03 -16.01
CA SER B 143 19.35 0.75 -15.93
C SER B 143 19.21 2.20 -16.41
N PRO B 144 18.54 2.44 -17.57
CA PRO B 144 18.37 3.80 -18.09
C PRO B 144 17.65 4.76 -17.13
N ASN B 145 16.53 4.31 -16.57
CA ASN B 145 15.78 5.15 -15.65
C ASN B 145 16.47 5.35 -14.32
N VAL B 146 17.21 4.34 -13.86
CA VAL B 146 17.92 4.44 -12.60
C VAL B 146 18.99 5.52 -12.74
N PHE B 147 19.72 5.47 -13.85
CA PHE B 147 20.77 6.43 -14.11
C PHE B 147 20.20 7.83 -14.32
N ARG B 148 19.02 7.90 -14.92
CA ARG B 148 18.37 9.18 -15.19
C ARG B 148 18.01 9.81 -13.84
N MET B 149 17.55 8.98 -12.92
CA MET B 149 17.14 9.38 -11.55
C MET B 149 18.34 9.89 -10.73
N ARG B 150 19.45 9.17 -10.80
CA ARG B 150 20.66 9.50 -10.08
C ARG B 150 21.30 10.82 -10.61
N LEU B 151 21.28 10.97 -11.94
CA LEU B 151 21.82 12.15 -12.63
C LEU B 151 21.00 13.37 -12.22
N MET B 152 19.79 13.13 -11.74
CA MET B 152 18.90 14.21 -11.31
C MET B 152 19.04 14.49 -9.81
N GLY B 153 20.07 13.89 -9.19
CA GLY B 153 20.34 14.08 -7.78
C GLY B 153 19.53 13.25 -6.80
N ALA B 154 18.91 12.17 -7.27
CA ALA B 154 18.11 11.32 -6.40
C ALA B 154 18.87 10.08 -5.93
N GLU B 155 18.56 9.66 -4.70
CA GLU B 155 19.15 8.49 -4.09
C GLU B 155 18.26 7.32 -4.44
N VAL B 156 18.82 6.31 -5.10
CA VAL B 156 18.05 5.14 -5.50
C VAL B 156 18.39 3.97 -4.60
N ILE B 157 17.36 3.39 -3.99
CA ILE B 157 17.51 2.28 -3.05
C ILE B 157 16.76 1.01 -3.50
N PRO B 158 17.52 -0.06 -3.81
CA PRO B 158 16.94 -1.34 -4.25
C PRO B 158 16.26 -2.09 -3.09
N VAL B 159 15.11 -2.70 -3.33
CA VAL B 159 14.43 -3.46 -2.29
C VAL B 159 14.46 -4.96 -2.65
N HIS B 160 15.31 -5.71 -1.95
CA HIS B 160 15.46 -7.15 -2.18
C HIS B 160 14.40 -7.99 -1.47
N SER B 161 13.51 -7.33 -0.73
CA SER B 161 12.46 -8.01 0.01
C SER B 161 11.26 -8.46 -0.84
N GLY B 162 10.76 -9.66 -0.54
CA GLY B 162 9.61 -10.22 -1.24
C GLY B 162 9.88 -10.60 -2.68
N SER B 163 9.06 -10.06 -3.58
CA SER B 163 9.23 -10.33 -5.02
C SER B 163 10.09 -9.24 -5.67
N ALA B 164 10.62 -8.33 -4.84
CA ALA B 164 11.48 -7.22 -5.27
C ALA B 164 10.94 -6.45 -6.49
N THR B 165 9.70 -5.96 -6.38
CA THR B 165 9.08 -5.19 -7.47
C THR B 165 8.30 -4.02 -6.88
N LEU B 166 7.39 -3.43 -7.66
CA LEU B 166 6.58 -2.29 -7.23
C LEU B 166 5.94 -2.51 -5.86
N LYS B 167 5.39 -3.70 -5.71
CA LYS B 167 4.73 -4.21 -4.50
C LYS B 167 5.54 -3.95 -3.21
N ASP B 168 6.75 -4.50 -3.20
CA ASP B 168 7.65 -4.41 -2.06
C ASP B 168 8.30 -3.02 -1.94
N ALA B 169 8.40 -2.32 -3.07
CA ALA B 169 8.93 -0.96 -3.10
C ALA B 169 7.95 -0.07 -2.31
N CYS B 170 6.65 -0.18 -2.66
CA CYS B 170 5.56 0.54 -2.00
C CYS B 170 5.58 0.26 -0.49
N ASN B 171 6.08 -0.92 -0.13
CA ASN B 171 6.19 -1.37 1.27
C ASN B 171 7.30 -0.66 2.04
N GLU B 172 8.47 -0.59 1.41
CA GLU B 172 9.63 0.08 2.00
C GLU B 172 9.41 1.58 2.13
N ALA B 173 8.59 2.11 1.24
CA ALA B 173 8.26 3.53 1.22
C ALA B 173 7.49 3.89 2.47
N LEU B 174 6.42 3.14 2.75
CA LEU B 174 5.58 3.37 3.93
C LEU B 174 6.33 3.10 5.23
N ARG B 175 7.18 2.08 5.18
CA ARG B 175 8.02 1.65 6.30
C ARG B 175 8.89 2.86 6.70
N ASP B 176 9.53 3.46 5.70
CA ASP B 176 10.38 4.63 5.87
C ASP B 176 9.51 5.80 6.36
N TRP B 177 8.40 6.05 5.66
CA TRP B 177 7.51 7.16 5.98
C TRP B 177 6.97 7.13 7.42
N SER B 178 6.83 5.95 8.00
CA SER B 178 6.33 5.84 9.39
C SER B 178 7.31 6.51 10.36
N GLY B 179 8.59 6.39 10.08
CA GLY B 179 9.58 6.99 10.95
C GLY B 179 10.16 8.30 10.43
N SER B 180 9.57 8.88 9.38
CA SER B 180 10.08 10.15 8.83
C SER B 180 9.06 11.17 8.34
N TYR B 181 7.77 10.87 8.47
CA TYR B 181 6.69 11.76 8.00
C TYR B 181 6.76 13.20 8.51
N GLU B 182 7.50 13.39 9.60
CA GLU B 182 7.64 14.70 10.22
C GLU B 182 8.44 15.70 9.37
N THR B 183 9.38 15.19 8.58
CA THR B 183 10.24 16.01 7.72
C THR B 183 10.12 15.62 6.22
N ALA B 184 9.60 14.41 5.97
CA ALA B 184 9.47 13.87 4.62
C ALA B 184 8.05 13.66 4.13
N HIS B 185 7.86 13.86 2.84
CA HIS B 185 6.59 13.63 2.20
C HIS B 185 6.71 12.47 1.22
N TYR B 186 5.81 11.51 1.35
CA TYR B 186 5.76 10.34 0.50
C TYR B 186 4.98 10.63 -0.77
N MET B 187 5.68 10.79 -1.89
CA MET B 187 5.04 11.08 -3.17
C MET B 187 4.56 9.79 -3.84
N LEU B 188 3.33 9.38 -3.51
CA LEU B 188 2.71 8.18 -4.08
C LEU B 188 2.51 8.40 -5.58
N GLY B 189 2.90 7.42 -6.38
CA GLY B 189 2.83 7.55 -7.83
C GLY B 189 1.59 7.28 -8.65
N THR B 190 0.45 7.07 -8.00
CA THR B 190 -0.78 6.81 -8.75
C THR B 190 -2.03 7.19 -7.97
N ALA B 191 -3.19 7.10 -8.62
CA ALA B 191 -4.44 7.46 -7.97
C ALA B 191 -5.02 6.31 -7.16
N ALA B 192 -4.18 5.78 -6.27
CA ALA B 192 -4.54 4.68 -5.38
C ALA B 192 -3.83 4.92 -4.02
N GLY B 193 -3.93 3.95 -3.13
CA GLY B 193 -3.34 4.08 -1.80
C GLY B 193 -4.39 4.63 -0.84
N PRO B 194 -3.97 5.03 0.38
CA PRO B 194 -4.91 5.58 1.35
C PRO B 194 -5.32 7.01 1.05
N HIS B 195 -6.51 7.39 1.49
CA HIS B 195 -6.97 8.76 1.30
C HIS B 195 -5.90 9.52 2.08
N PRO B 196 -5.57 10.74 1.66
CA PRO B 196 -6.09 11.53 0.55
C PRO B 196 -5.48 11.35 -0.84
N TYR B 197 -4.64 10.35 -1.03
CA TYR B 197 -3.99 10.17 -2.32
C TYR B 197 -4.82 9.96 -3.61
N PRO B 198 -5.87 9.13 -3.59
CA PRO B 198 -6.65 8.95 -4.83
C PRO B 198 -7.33 10.26 -5.29
N THR B 199 -7.69 11.10 -4.31
CA THR B 199 -8.33 12.37 -4.57
C THR B 199 -7.31 13.43 -5.00
N ILE B 200 -6.12 13.40 -4.39
CA ILE B 200 -5.08 14.37 -4.70
C ILE B 200 -4.56 14.18 -6.11
N VAL B 201 -4.18 12.94 -6.42
CA VAL B 201 -3.66 12.61 -7.73
C VAL B 201 -4.63 12.93 -8.87
N ARG B 202 -5.93 12.68 -8.65
CA ARG B 202 -6.96 13.01 -9.63
C ARG B 202 -6.93 14.49 -9.86
N GLU B 203 -7.07 15.23 -8.78
CA GLU B 203 -7.13 16.67 -8.80
C GLU B 203 -5.93 17.30 -9.50
N PHE B 204 -4.77 16.70 -9.31
CA PHE B 204 -3.52 17.19 -9.92
C PHE B 204 -3.25 16.64 -11.35
N GLN B 205 -4.20 15.87 -11.87
CA GLN B 205 -4.13 15.24 -13.21
C GLN B 205 -5.34 15.69 -14.05
N ARG B 206 -6.21 16.46 -13.42
CA ARG B 206 -7.45 16.98 -13.99
C ARG B 206 -7.32 17.85 -15.24
N MET B 207 -6.13 18.45 -15.41
CA MET B 207 -5.78 19.35 -16.52
C MET B 207 -6.15 18.61 -17.78
N ILE B 208 -5.65 17.37 -17.87
CA ILE B 208 -5.82 16.52 -19.03
C ILE B 208 -7.21 16.55 -19.61
N GLY B 209 -8.19 16.15 -18.80
CA GLY B 209 -9.58 16.14 -19.24
C GLY B 209 -10.16 17.51 -19.51
N GLU B 210 -9.80 18.48 -18.67
CA GLU B 210 -10.27 19.87 -18.77
C GLU B 210 -9.82 20.52 -20.09
N GLU B 211 -8.58 20.24 -20.46
CA GLU B 211 -7.97 20.76 -21.68
C GLU B 211 -8.60 20.06 -22.88
N THR B 212 -8.79 18.74 -22.74
CA THR B 212 -9.40 17.95 -23.81
C THR B 212 -10.80 18.45 -24.12
N LYS B 213 -11.60 18.70 -23.09
CA LYS B 213 -12.95 19.22 -23.30
C LYS B 213 -12.94 20.50 -24.10
N ALA B 214 -12.15 21.47 -23.67
CA ALA B 214 -12.08 22.74 -24.37
C ALA B 214 -11.56 22.55 -25.78
N GLN B 215 -10.60 21.66 -25.91
CA GLN B 215 -9.96 21.39 -27.18
C GLN B 215 -10.93 20.77 -28.20
N ILE B 216 -11.70 19.79 -27.76
CA ILE B 216 -12.65 19.10 -28.64
C ILE B 216 -13.83 19.99 -28.99
N LEU B 217 -14.22 20.85 -28.05
CA LEU B 217 -15.32 21.79 -28.25
C LEU B 217 -14.90 22.84 -29.29
N ASP B 218 -13.59 23.05 -29.39
CA ASP B 218 -13.09 24.04 -30.32
C ASP B 218 -13.00 23.48 -31.73
N LYS B 219 -12.33 22.34 -31.82
CA LYS B 219 -12.07 21.63 -33.06
C LYS B 219 -13.30 20.96 -33.69
N GLU B 220 -14.20 20.48 -32.84
CA GLU B 220 -15.37 19.78 -33.33
C GLU B 220 -16.72 20.33 -32.91
N GLY B 221 -16.74 21.26 -31.95
CA GLY B 221 -17.97 21.86 -31.46
C GLY B 221 -18.88 20.85 -30.77
N ARG B 222 -18.27 19.77 -30.29
CA ARG B 222 -19.04 18.68 -29.69
C ARG B 222 -18.14 17.96 -28.70
N LEU B 223 -18.75 17.36 -27.68
CA LEU B 223 -17.99 16.58 -26.71
C LEU B 223 -17.79 15.19 -27.36
N PRO B 224 -16.76 14.45 -26.95
CA PRO B 224 -16.56 13.14 -27.57
C PRO B 224 -17.63 12.10 -27.19
N ASP B 225 -17.69 11.03 -27.96
CA ASP B 225 -18.63 9.96 -27.67
C ASP B 225 -18.00 9.10 -26.57
N ALA B 226 -16.67 9.09 -26.53
CA ALA B 226 -15.94 8.33 -25.54
C ALA B 226 -14.46 8.71 -25.45
N VAL B 227 -13.96 8.70 -24.21
CA VAL B 227 -12.56 8.97 -23.91
C VAL B 227 -12.01 7.65 -23.38
N ILE B 228 -10.84 7.26 -23.89
CA ILE B 228 -10.20 5.98 -23.55
C ILE B 228 -8.80 6.22 -22.99
N ALA B 229 -8.43 5.43 -21.97
CA ALA B 229 -7.13 5.56 -21.32
C ALA B 229 -6.72 4.26 -20.66
N CYS B 230 -5.44 3.94 -20.67
CA CYS B 230 -5.00 2.71 -20.03
C CYS B 230 -5.09 2.89 -18.51
N VAL B 231 -5.14 1.76 -17.81
CA VAL B 231 -5.25 1.77 -16.35
C VAL B 231 -4.22 0.86 -15.69
N GLY B 232 -3.16 1.48 -15.14
CA GLY B 232 -2.14 0.75 -14.41
C GLY B 232 -2.54 0.83 -12.93
N GLY B 233 -2.63 2.04 -12.42
CA GLY B 233 -3.06 2.26 -11.06
C GLY B 233 -4.24 3.22 -11.13
N GLY B 234 -4.41 3.84 -12.30
CA GLY B 234 -5.51 4.76 -12.52
C GLY B 234 -5.32 6.26 -12.61
N SER B 235 -4.10 6.80 -12.54
CA SER B 235 -3.92 8.26 -12.57
C SER B 235 -4.16 8.99 -13.88
N ASN B 236 -3.65 8.45 -14.99
CA ASN B 236 -3.84 9.11 -16.27
C ASN B 236 -5.30 8.98 -16.70
N ALA B 237 -5.90 7.83 -16.40
CA ALA B 237 -7.28 7.56 -16.75
C ALA B 237 -8.20 8.51 -16.00
N ILE B 238 -8.07 8.51 -14.67
CA ILE B 238 -8.91 9.40 -13.88
C ILE B 238 -8.70 10.87 -14.28
N GLY B 239 -7.49 11.27 -14.65
CA GLY B 239 -7.25 12.65 -15.07
C GLY B 239 -8.01 13.01 -16.33
N MET B 240 -8.18 12.01 -17.19
CA MET B 240 -8.94 12.16 -18.43
C MET B 240 -10.44 12.20 -18.12
N PHE B 241 -10.90 11.25 -17.30
CA PHE B 241 -12.31 11.12 -16.94
C PHE B 241 -12.93 12.28 -16.17
N ALA B 242 -12.25 12.73 -15.10
CA ALA B 242 -12.72 13.77 -14.19
C ALA B 242 -13.65 14.87 -14.67
N ASP B 243 -13.21 15.69 -15.62
CA ASP B 243 -14.05 16.78 -16.12
C ASP B 243 -15.26 16.33 -16.94
N PHE B 244 -15.30 15.04 -17.30
CA PHE B 244 -16.38 14.47 -18.11
C PHE B 244 -17.36 13.58 -17.32
N ILE B 245 -17.12 13.39 -16.03
CA ILE B 245 -17.98 12.54 -15.21
C ILE B 245 -19.44 13.03 -15.16
N ASN B 246 -19.64 14.33 -15.05
CA ASN B 246 -20.99 14.89 -15.02
C ASN B 246 -21.61 15.03 -16.41
N ASP B 247 -20.81 14.75 -17.44
CA ASP B 247 -21.25 14.78 -18.84
C ASP B 247 -21.67 13.34 -19.12
N THR B 248 -22.93 13.02 -18.82
CA THR B 248 -23.42 11.66 -19.01
C THR B 248 -23.43 11.09 -20.43
N SER B 249 -23.33 11.96 -21.44
CA SER B 249 -23.32 11.49 -22.84
C SER B 249 -21.93 11.03 -23.28
N VAL B 250 -20.92 11.31 -22.45
CA VAL B 250 -19.56 10.91 -22.78
C VAL B 250 -19.19 9.61 -22.09
N GLY B 251 -18.79 8.62 -22.87
CA GLY B 251 -18.39 7.33 -22.33
C GLY B 251 -16.98 7.40 -21.78
N LEU B 252 -16.77 6.73 -20.65
CA LEU B 252 -15.46 6.68 -20.00
C LEU B 252 -14.99 5.23 -20.10
N ILE B 253 -13.90 4.99 -20.84
CA ILE B 253 -13.40 3.63 -20.99
C ILE B 253 -11.97 3.45 -20.51
N GLY B 254 -11.84 2.61 -19.48
CA GLY B 254 -10.55 2.30 -18.91
C GLY B 254 -10.08 0.98 -19.44
N VAL B 255 -8.81 0.90 -19.81
CA VAL B 255 -8.25 -0.33 -20.38
C VAL B 255 -7.16 -0.90 -19.52
N GLU B 256 -7.32 -2.16 -19.14
CA GLU B 256 -6.41 -2.85 -18.25
C GLU B 256 -5.56 -3.85 -19.05
N PRO B 257 -4.30 -4.10 -18.63
CA PRO B 257 -3.52 -5.06 -19.41
C PRO B 257 -4.06 -6.51 -19.33
N GLY B 258 -4.05 -7.18 -20.47
CA GLY B 258 -4.54 -8.54 -20.52
C GLY B 258 -3.40 -9.52 -20.54
N GLY B 259 -2.19 -8.98 -20.70
CA GLY B 259 -0.98 -9.80 -20.74
C GLY B 259 -1.02 -10.86 -21.84
N HIS B 260 -0.77 -12.11 -21.45
CA HIS B 260 -0.78 -13.24 -22.37
C HIS B 260 -2.18 -13.76 -22.62
N GLY B 261 -3.15 -13.23 -21.89
CA GLY B 261 -4.53 -13.66 -22.04
C GLY B 261 -5.12 -13.79 -20.65
N ILE B 262 -6.34 -13.29 -20.44
CA ILE B 262 -6.94 -13.39 -19.12
C ILE B 262 -7.00 -14.84 -18.65
N GLU B 263 -7.34 -15.71 -19.59
CA GLU B 263 -7.52 -17.16 -19.41
C GLU B 263 -6.26 -17.81 -18.84
N THR B 264 -5.12 -17.27 -19.26
CA THR B 264 -3.81 -17.77 -18.84
C THR B 264 -3.51 -17.44 -17.41
N GLY B 265 -4.22 -16.43 -16.89
CA GLY B 265 -4.01 -15.96 -15.54
C GLY B 265 -2.76 -15.09 -15.51
N GLU B 266 -2.26 -14.75 -16.71
CA GLU B 266 -1.05 -13.94 -16.90
C GLU B 266 -1.46 -12.55 -17.37
N HIS B 267 -2.02 -11.77 -16.47
CA HIS B 267 -2.50 -10.43 -16.78
C HIS B 267 -2.29 -9.46 -15.63
N GLY B 268 -2.74 -8.23 -15.82
CA GLY B 268 -2.67 -7.20 -14.81
C GLY B 268 -4.03 -6.51 -14.86
N ALA B 269 -5.10 -7.31 -14.79
CA ALA B 269 -6.45 -6.77 -14.84
C ALA B 269 -7.24 -7.05 -13.56
N PRO B 270 -6.87 -6.37 -12.45
CA PRO B 270 -7.57 -6.58 -11.18
C PRO B 270 -8.99 -6.05 -11.08
N LEU B 271 -9.25 -4.87 -11.63
CA LEU B 271 -10.58 -4.29 -11.54
C LEU B 271 -11.63 -5.20 -12.15
N LYS B 272 -11.25 -5.92 -13.21
CA LYS B 272 -12.21 -6.80 -13.89
C LYS B 272 -12.08 -8.29 -13.58
N HIS B 273 -10.87 -8.77 -13.35
CA HIS B 273 -10.62 -10.17 -13.09
C HIS B 273 -9.82 -10.49 -11.83
N GLY B 274 -9.95 -9.63 -10.82
CA GLY B 274 -9.25 -9.86 -9.57
C GLY B 274 -10.28 -9.81 -8.47
N ARG B 275 -9.85 -10.01 -7.23
CA ARG B 275 -10.78 -9.97 -6.09
C ARG B 275 -10.56 -8.81 -5.13
N VAL B 276 -11.64 -8.23 -4.63
CA VAL B 276 -11.49 -7.14 -3.69
C VAL B 276 -10.79 -7.60 -2.40
N GLY B 277 -9.83 -6.78 -1.98
CA GLY B 277 -9.06 -7.06 -0.78
C GLY B 277 -8.67 -5.75 -0.16
N ILE B 278 -7.84 -5.82 0.87
CA ILE B 278 -7.38 -4.62 1.57
C ILE B 278 -5.85 -4.62 1.57
N TYR B 279 -5.27 -3.68 0.85
CA TYR B 279 -3.82 -3.58 0.80
C TYR B 279 -3.39 -2.22 0.27
N PHE B 280 -2.20 -1.82 0.70
CA PHE B 280 -1.58 -0.54 0.35
C PHE B 280 -2.46 0.60 0.82
N GLY B 281 -2.99 0.45 2.04
CA GLY B 281 -3.85 1.44 2.68
C GLY B 281 -5.16 1.72 1.97
N MET B 282 -5.68 0.69 1.33
CA MET B 282 -6.86 0.79 0.47
C MET B 282 -7.73 -0.47 0.40
N LYS B 283 -9.03 -0.26 0.15
CA LYS B 283 -9.96 -1.36 -0.12
C LYS B 283 -10.20 -1.28 -1.64
N ALA B 284 -9.70 -2.28 -2.38
CA ALA B 284 -9.83 -2.28 -3.83
C ALA B 284 -9.60 -3.65 -4.44
N PRO B 285 -10.04 -3.85 -5.71
CA PRO B 285 -9.88 -5.10 -6.47
C PRO B 285 -8.41 -5.46 -6.46
N MET B 286 -8.08 -6.74 -6.48
CA MET B 286 -6.67 -7.08 -6.36
C MET B 286 -6.16 -8.36 -6.99
N MET B 287 -4.86 -8.35 -7.30
CA MET B 287 -4.16 -9.51 -7.85
C MET B 287 -3.83 -10.25 -6.55
N GLN B 288 -4.66 -11.21 -6.19
CA GLN B 288 -4.57 -11.95 -4.93
C GLN B 288 -4.50 -13.45 -5.13
N THR B 289 -3.96 -14.20 -4.17
CA THR B 289 -3.98 -15.66 -4.29
C THR B 289 -5.32 -16.03 -3.60
N ALA B 290 -5.69 -17.31 -3.66
CA ALA B 290 -6.94 -17.75 -3.03
C ALA B 290 -6.88 -17.53 -1.50
N ASP B 291 -5.66 -17.59 -0.95
CA ASP B 291 -5.37 -17.40 0.47
C ASP B 291 -5.35 -15.93 0.92
N GLY B 292 -5.31 -15.01 -0.04
CA GLY B 292 -5.27 -13.60 0.29
C GLY B 292 -3.85 -13.04 0.26
N GLN B 293 -2.94 -13.81 -0.29
CA GLN B 293 -1.56 -13.36 -0.42
C GLN B 293 -1.53 -12.45 -1.67
N ILE B 294 -0.80 -11.33 -1.62
CA ILE B 294 -0.76 -10.43 -2.78
C ILE B 294 0.10 -10.97 -3.92
N GLU B 295 -0.49 -10.97 -5.12
CA GLU B 295 0.15 -11.43 -6.35
C GLU B 295 0.68 -10.27 -7.21
N GLU B 296 1.45 -10.61 -8.23
CA GLU B 296 2.03 -9.61 -9.14
C GLU B 296 1.18 -9.50 -10.43
N SER B 297 1.14 -8.31 -11.00
CA SER B 297 0.41 -8.10 -12.26
C SER B 297 1.38 -8.26 -13.42
N TYR B 298 0.98 -8.95 -14.48
CA TYR B 298 1.84 -9.11 -15.65
C TYR B 298 1.37 -8.31 -16.86
N SER B 299 2.35 -7.80 -17.60
CA SER B 299 2.10 -7.05 -18.83
C SER B 299 3.40 -6.78 -19.61
N ILE B 300 3.28 -6.74 -20.94
CA ILE B 300 4.41 -6.44 -21.81
C ILE B 300 4.95 -5.06 -21.38
N SER B 301 4.05 -4.16 -20.99
CA SER B 301 4.47 -2.84 -20.54
C SER B 301 4.64 -2.82 -19.03
N ALA B 302 5.90 -2.60 -18.60
CA ALA B 302 6.25 -2.55 -17.19
C ALA B 302 5.45 -1.52 -16.36
N GLY B 303 5.03 -0.44 -17.01
CA GLY B 303 4.29 0.62 -16.34
C GLY B 303 2.87 0.32 -15.93
N LEU B 304 2.35 -0.83 -16.36
CA LEU B 304 0.99 -1.22 -15.98
C LEU B 304 1.06 -2.39 -15.01
N ASP B 305 2.17 -2.49 -14.26
CA ASP B 305 2.36 -3.59 -13.31
C ASP B 305 1.82 -3.42 -11.89
N PHE B 306 1.09 -2.33 -11.62
CA PHE B 306 0.51 -2.13 -10.29
C PHE B 306 -0.53 -3.24 -10.12
N PRO B 307 -0.30 -4.15 -9.15
CA PRO B 307 -1.17 -5.30 -8.82
C PRO B 307 -2.55 -4.97 -8.26
N SER B 308 -2.92 -3.71 -8.32
CA SER B 308 -4.22 -3.26 -7.85
C SER B 308 -4.74 -2.15 -8.78
N VAL B 309 -5.66 -1.32 -8.29
CA VAL B 309 -6.22 -0.26 -9.12
C VAL B 309 -6.87 0.74 -8.20
N GLY B 310 -6.96 1.99 -8.66
CA GLY B 310 -7.57 3.06 -7.89
C GLY B 310 -9.02 2.82 -7.49
N PRO B 311 -9.41 3.21 -6.26
CA PRO B 311 -10.77 3.04 -5.76
C PRO B 311 -11.86 3.79 -6.51
N GLN B 312 -11.55 4.96 -7.08
CA GLN B 312 -12.56 5.69 -7.83
C GLN B 312 -12.99 4.95 -9.10
N HIS B 313 -12.05 4.22 -9.71
CA HIS B 313 -12.34 3.42 -10.90
C HIS B 313 -13.25 2.25 -10.56
N ALA B 314 -12.92 1.56 -9.46
CA ALA B 314 -13.69 0.44 -8.97
C ALA B 314 -15.12 0.93 -8.69
N TYR B 315 -15.23 2.15 -8.18
CA TYR B 315 -16.52 2.73 -7.88
C TYR B 315 -17.29 3.13 -9.13
N LEU B 316 -16.62 3.80 -10.07
CA LEU B 316 -17.27 4.25 -11.30
C LEU B 316 -17.73 3.01 -12.07
N ASN B 317 -16.93 1.95 -12.00
CA ASN B 317 -17.27 0.71 -12.66
C ASN B 317 -18.56 0.18 -12.04
N SER B 318 -18.57 0.04 -10.72
CA SER B 318 -19.74 -0.51 -10.03
C SER B 318 -21.07 0.18 -10.31
N ILE B 319 -21.08 1.51 -10.42
CA ILE B 319 -22.31 2.24 -10.70
C ILE B 319 -22.66 2.36 -12.19
N GLY B 320 -21.81 1.79 -13.03
CA GLY B 320 -22.02 1.84 -14.46
C GLY B 320 -21.60 3.12 -15.16
N ARG B 321 -21.05 4.10 -14.44
CA ARG B 321 -20.59 5.34 -15.08
C ARG B 321 -19.43 5.14 -16.07
N ALA B 322 -18.50 4.26 -15.70
CA ALA B 322 -17.35 3.98 -16.55
C ALA B 322 -17.29 2.48 -16.89
N ASP B 323 -16.66 2.16 -18.02
CA ASP B 323 -16.53 0.78 -18.48
C ASP B 323 -15.08 0.40 -18.62
N TYR B 324 -14.75 -0.80 -18.14
CA TYR B 324 -13.38 -1.27 -18.18
C TYR B 324 -13.25 -2.51 -19.02
N VAL B 325 -12.22 -2.54 -19.87
CA VAL B 325 -11.94 -3.65 -20.76
C VAL B 325 -10.46 -3.99 -20.66
N SER B 326 -10.00 -5.00 -21.39
CA SER B 326 -8.58 -5.36 -21.34
C SER B 326 -8.03 -5.62 -22.73
N ILE B 327 -6.72 -5.44 -22.88
CA ILE B 327 -6.05 -5.63 -24.16
C ILE B 327 -4.79 -6.46 -23.90
N THR B 328 -4.55 -7.44 -24.75
CA THR B 328 -3.39 -8.32 -24.61
C THR B 328 -2.11 -7.66 -25.15
N ASP B 329 -0.98 -8.31 -24.89
CA ASP B 329 0.33 -7.85 -25.34
C ASP B 329 0.38 -7.69 -26.86
N ASP B 330 0.00 -8.74 -27.59
CA ASP B 330 0.04 -8.70 -29.05
C ASP B 330 -0.82 -7.60 -29.61
N GLU B 331 -1.95 -7.35 -28.95
CA GLU B 331 -2.89 -6.32 -29.34
C GLU B 331 -2.25 -4.94 -29.13
N ALA B 332 -1.64 -4.73 -27.97
CA ALA B 332 -0.96 -3.47 -27.70
C ALA B 332 0.23 -3.30 -28.66
N LEU B 333 0.96 -4.38 -28.92
CA LEU B 333 2.11 -4.39 -29.85
C LEU B 333 1.67 -3.95 -31.25
N GLU B 334 0.46 -4.39 -31.65
CA GLU B 334 -0.13 -4.03 -32.94
C GLU B 334 -0.48 -2.55 -33.03
N ALA B 335 -1.17 -2.02 -32.02
CA ALA B 335 -1.53 -0.59 -31.98
C ALA B 335 -0.25 0.26 -31.96
N PHE B 336 0.79 -0.23 -31.27
CA PHE B 336 2.07 0.45 -31.18
C PHE B 336 2.63 0.60 -32.60
N LYS B 337 2.77 -0.54 -33.27
CA LYS B 337 3.28 -0.61 -34.62
C LYS B 337 2.51 0.27 -35.59
N THR B 338 1.18 0.20 -35.51
CA THR B 338 0.29 0.98 -36.38
C THR B 338 0.46 2.49 -36.26
N LEU B 339 0.50 3.01 -35.04
CA LEU B 339 0.65 4.46 -34.84
C LEU B 339 2.02 4.95 -35.34
N CYS B 340 3.05 4.12 -35.18
CA CYS B 340 4.39 4.48 -35.65
C CYS B 340 4.34 4.75 -37.18
N ARG B 341 3.81 3.78 -37.93
CA ARG B 341 3.72 3.85 -39.39
C ARG B 341 2.72 4.76 -40.08
N HIS B 342 1.55 4.97 -39.48
CA HIS B 342 0.55 5.80 -40.14
C HIS B 342 0.42 7.20 -39.62
N GLU B 343 1.01 7.44 -38.46
CA GLU B 343 0.90 8.73 -37.80
C GLU B 343 2.26 9.35 -37.43
N GLY B 344 3.32 8.53 -37.43
CA GLY B 344 4.65 9.03 -37.09
C GLY B 344 4.85 9.35 -35.62
N ILE B 345 4.04 8.72 -34.77
CA ILE B 345 4.13 8.94 -33.33
C ILE B 345 4.48 7.62 -32.70
N ILE B 346 5.50 7.64 -31.84
CA ILE B 346 5.97 6.46 -31.11
C ILE B 346 5.28 6.52 -29.75
N PRO B 347 4.26 5.67 -29.53
CA PRO B 347 3.51 5.62 -28.27
C PRO B 347 4.13 4.69 -27.24
N ALA B 348 3.91 4.99 -25.98
CA ALA B 348 4.39 4.15 -24.89
C ALA B 348 3.55 2.89 -25.01
N LEU B 349 4.10 1.75 -24.62
CA LEU B 349 3.36 0.50 -24.67
C LEU B 349 2.20 0.54 -23.69
N GLU B 350 2.30 1.46 -22.73
CA GLU B 350 1.29 1.64 -21.70
C GLU B 350 0.05 2.17 -22.42
N SER B 351 0.25 3.27 -23.14
CA SER B 351 -0.79 3.96 -23.89
C SER B 351 -1.30 3.14 -25.07
N SER B 352 -0.42 2.30 -25.62
CA SER B 352 -0.76 1.42 -26.74
C SER B 352 -1.95 0.52 -26.45
N HIS B 353 -2.20 0.25 -25.17
CA HIS B 353 -3.32 -0.58 -24.75
C HIS B 353 -4.60 0.22 -24.98
N ALA B 354 -4.51 1.52 -24.72
CA ALA B 354 -5.64 2.44 -24.88
C ALA B 354 -5.98 2.61 -26.36
N LEU B 355 -4.96 2.84 -27.19
CA LEU B 355 -5.10 3.01 -28.65
C LEU B 355 -5.70 1.75 -29.28
N ALA B 356 -5.16 0.61 -28.87
CA ALA B 356 -5.58 -0.68 -29.34
C ALA B 356 -7.07 -0.88 -29.19
N HIS B 357 -7.63 -0.38 -28.08
CA HIS B 357 -9.06 -0.54 -27.89
C HIS B 357 -9.88 0.36 -28.80
N ALA B 358 -9.41 1.59 -29.00
CA ALA B 358 -10.11 2.54 -29.87
C ALA B 358 -10.06 2.02 -31.31
N LEU B 359 -8.94 1.37 -31.64
CA LEU B 359 -8.68 0.77 -32.93
C LEU B 359 -9.67 -0.38 -33.15
N LYS B 360 -10.01 -1.10 -32.07
CA LYS B 360 -10.97 -2.20 -32.10
C LYS B 360 -12.40 -1.69 -32.35
N MET B 361 -12.72 -0.64 -31.62
CA MET B 361 -14.02 0.04 -31.62
C MET B 361 -14.36 0.49 -33.05
N MET B 362 -13.29 0.85 -33.77
CA MET B 362 -13.32 1.30 -35.14
C MET B 362 -13.51 0.14 -36.10
N ARG B 363 -12.54 -0.75 -36.05
CA ARG B 363 -12.44 -1.91 -36.92
C ARG B 363 -13.64 -2.87 -36.85
N GLU B 364 -14.17 -3.06 -35.65
CA GLU B 364 -15.27 -4.00 -35.42
C GLU B 364 -16.57 -3.42 -35.97
N GLN B 365 -16.61 -2.10 -36.04
CA GLN B 365 -17.80 -1.39 -36.47
C GLN B 365 -17.39 -0.15 -37.27
N PRO B 366 -16.70 -0.36 -38.41
CA PRO B 366 -16.22 0.73 -39.29
C PRO B 366 -17.25 1.70 -39.80
N GLU B 367 -18.52 1.29 -39.74
CA GLU B 367 -19.60 2.14 -40.24
C GLU B 367 -20.31 2.94 -39.15
N LYS B 368 -19.90 2.73 -37.90
CA LYS B 368 -20.46 3.45 -36.77
C LYS B 368 -19.80 4.82 -36.73
N GLU B 369 -20.62 5.88 -36.65
CA GLU B 369 -20.09 7.23 -36.53
C GLU B 369 -19.62 7.35 -35.09
N GLN B 370 -18.38 7.81 -34.91
CA GLN B 370 -17.81 7.84 -33.58
C GLN B 370 -16.75 8.95 -33.40
N LEU B 371 -16.84 9.75 -32.34
CA LEU B 371 -15.83 10.78 -32.05
C LEU B 371 -15.06 10.28 -30.82
N LEU B 372 -13.85 9.79 -31.04
CA LEU B 372 -13.03 9.24 -29.97
C LEU B 372 -11.82 10.06 -29.58
N VAL B 373 -11.45 9.95 -28.30
CA VAL B 373 -10.28 10.63 -27.78
C VAL B 373 -9.50 9.64 -26.93
N VAL B 374 -8.28 9.33 -27.37
CA VAL B 374 -7.42 8.42 -26.64
C VAL B 374 -6.40 9.28 -25.92
N ASN B 375 -6.12 8.92 -24.67
CA ASN B 375 -5.14 9.62 -23.89
C ASN B 375 -3.82 8.94 -24.15
N LEU B 376 -2.93 9.66 -24.84
CA LEU B 376 -1.63 9.10 -25.10
C LEU B 376 -0.81 9.56 -23.90
N SER B 377 -0.91 8.78 -22.84
CA SER B 377 -0.27 9.10 -21.58
C SER B 377 1.24 9.17 -21.60
N GLY B 378 1.87 8.70 -22.68
CA GLY B 378 3.32 8.72 -22.74
C GLY B 378 3.99 8.36 -24.05
N ARG B 379 5.30 8.67 -24.11
CA ARG B 379 6.22 8.47 -25.24
C ARG B 379 6.71 7.02 -25.27
N GLY B 380 7.02 6.51 -26.46
CA GLY B 380 7.45 5.13 -26.54
C GLY B 380 8.91 4.82 -26.84
N ASP B 381 9.75 5.84 -26.90
CA ASP B 381 11.18 5.67 -27.17
C ASP B 381 11.75 4.60 -26.24
N LYS B 382 11.25 4.64 -25.00
CA LYS B 382 11.55 3.71 -23.93
C LYS B 382 11.39 2.25 -24.36
N ASP B 383 10.34 1.98 -25.13
CA ASP B 383 10.02 0.62 -25.58
C ASP B 383 10.55 0.16 -26.93
N ILE B 384 11.38 0.98 -27.59
CA ILE B 384 11.96 0.62 -28.89
C ILE B 384 12.76 -0.69 -28.82
N PHE B 385 13.45 -0.89 -27.69
CA PHE B 385 14.25 -2.08 -27.51
C PHE B 385 13.41 -3.31 -27.24
N THR B 386 12.43 -3.18 -26.35
CA THR B 386 11.51 -4.26 -25.99
C THR B 386 10.75 -4.81 -27.21
N VAL B 387 10.11 -3.91 -27.95
CA VAL B 387 9.36 -4.27 -29.14
C VAL B 387 10.32 -4.84 -30.18
N HIS B 388 11.56 -4.37 -30.17
CA HIS B 388 12.57 -4.83 -31.12
C HIS B 388 12.88 -6.31 -30.96
N ASP B 389 13.19 -6.71 -29.74
CA ASP B 389 13.51 -8.09 -29.43
C ASP B 389 12.34 -9.03 -29.64
C1 NHP C . 2.65 -5.04 16.33
C2 NHP C . 3.44 -6.13 15.99
C3 NHP C . 4.05 -6.22 14.70
C4 NHP C . 3.83 -5.18 13.78
C5 NHP C . 3.03 -4.09 14.12
C6 NHP C . 2.45 -4.01 15.39
N1 NHP C . 4.87 -7.32 14.32
S1 NHP C . 3.71 -7.45 17.15
C7 NHP C . 5.23 -7.24 18.09
C8 NHP C . 6.39 -6.85 17.17
C9 NHP C . 7.66 -6.67 17.99
C10 NHP C . 8.92 -6.60 17.11
P1 NHP C . 10.21 -5.68 17.82
O1 NHP C . 11.49 -5.80 17.07
O2 NHP C . 10.57 -6.07 19.25
O3 NHP C . 9.98 -4.18 17.87
NA NA D . -3.63 -2.45 -12.18
N1 PLP E . 1.29 5.35 -18.91
C2 PLP E . 2.55 5.83 -18.88
C2A PLP E . 3.14 6.40 -20.11
C3 PLP E . 3.24 5.79 -17.69
O3 PLP E . 4.53 6.28 -17.76
C4 PLP E . 2.73 5.29 -16.48
C4A PLP E . 3.52 5.89 -15.43
C5 PLP E . 1.42 4.77 -16.62
C6 PLP E . 0.74 4.82 -17.79
C5A PLP E . 0.60 4.01 -15.53
O4P PLP E . -0.37 4.88 -15.15
P PLP E . -1.44 5.31 -14.13
O1P PLP E . -1.28 5.74 -12.71
O2P PLP E . -1.87 6.40 -15.00
O3P PLP E . -2.39 4.21 -14.32
#